data_2BBK
#
_entry.id   2BBK
#
_cell.length_a   152.070
_cell.length_b   135.920
_cell.length_c   55.260
_cell.angle_alpha   90.00
_cell.angle_beta   90.00
_cell.angle_gamma   90.00
#
_symmetry.space_group_name_H-M   'P 21 21 21'
#
loop_
_entity.id
_entity.type
_entity.pdbx_description
1 polymer 'METHYLAMINE DEHYDROGENASE (HEAVY SUBUNIT)'
2 polymer 'METHYLAMINE DEHYDROGENASE (LIGHT SUBUNIT)'
3 water water
#
loop_
_entity_poly.entity_id
_entity_poly.type
_entity_poly.pdbx_seq_one_letter_code
_entity_poly.pdbx_strand_id
1 'polypeptide(L)'
;DEPRILEAPAPDARRVYVNDPAHFAAVTQQFVIDGEAGRVIGMIDGGFLPNPVVADDGSFIAHASTVFSRIARGERTDYV
EVFDPVTLLPTADIELPDAPRFLVGTYPWMTSLTPDGKTLLFYQFSPAPAVGVVDLEGKAFKRMLDVPDCYHIFPTAPDT
FFMHCRDGSLAKVAFGTEGTPEITHTEVFHPEDEFLINHPAYSQKAGRLVWPTYTGKIHQIDLSSGDAKFLPAVEALTEA
ERADGWRPGGWQQVAYHRALDRIYLLVDQRDEWRHKTASRFVVVLDAKTGERLAKFEMGHEIDSINVSQDEKPLLYALST
GDKTLYIHDAESGEELRSVNQLGHGPQVITTADMG
;
H,J
2 'polypeptide(L)'
;TDPRAKWVPQDNDIQACDYWRHCSIDGNICDCSGGSLTNCPPGTKLATAS(TRQ)VASCYNPTDGQSYLIAYRDCCGYNV
SGRCPCLNTEGELPVYRPEFANDIIWCFGAEDDAMTYHCTISPIVGKAS
;
L,M
#
# COMPACT_ATOMS: atom_id res chain seq x y z
N ASP A 1 4.98 -14.78 31.56
CA ASP A 1 5.29 -14.15 30.28
C ASP A 1 4.29 -12.98 30.14
N GLU A 2 4.77 -11.70 30.28
CA GLU A 2 3.96 -10.46 30.36
C GLU A 2 3.99 -9.38 29.28
N PRO A 3 3.16 -9.47 28.26
CA PRO A 3 3.24 -8.50 27.19
C PRO A 3 3.04 -7.07 27.58
N ARG A 4 3.83 -6.21 26.92
CA ARG A 4 3.67 -4.77 27.07
C ARG A 4 4.03 -4.04 25.79
N ILE A 5 3.89 -2.72 25.81
CA ILE A 5 4.27 -1.90 24.69
C ILE A 5 5.67 -1.38 24.94
N LEU A 6 6.62 -1.61 24.02
CA LEU A 6 7.98 -1.15 24.25
C LEU A 6 8.15 0.34 23.96
N GLU A 7 9.24 0.90 24.45
CA GLU A 7 9.66 2.25 24.14
C GLU A 7 10.94 2.11 23.32
N ALA A 8 11.18 2.97 22.35
CA ALA A 8 12.37 2.89 21.53
C ALA A 8 13.55 3.41 22.33
N PRO A 9 14.76 3.04 21.96
CA PRO A 9 15.93 3.53 22.64
C PRO A 9 16.03 5.03 22.45
N ALA A 10 16.74 5.74 23.32
CA ALA A 10 16.81 7.18 23.16
C ALA A 10 17.46 7.55 21.84
N PRO A 11 17.06 8.67 21.25
CA PRO A 11 17.67 9.01 19.99
C PRO A 11 19.15 9.25 20.20
N ASP A 12 19.96 8.80 19.24
CA ASP A 12 21.39 9.01 19.26
C ASP A 12 21.86 9.34 17.86
N ALA A 13 23.15 9.61 17.70
CA ALA A 13 23.67 10.00 16.41
C ALA A 13 23.50 8.97 15.32
N ARG A 14 23.35 7.69 15.71
CA ARG A 14 23.27 6.57 14.79
C ARG A 14 21.86 6.19 14.38
N ARG A 15 20.87 6.92 14.90
CA ARG A 15 19.50 6.65 14.51
C ARG A 15 19.33 7.20 13.10
N VAL A 16 18.58 6.50 12.27
CA VAL A 16 18.37 6.97 10.92
C VAL A 16 16.92 6.73 10.55
N TYR A 17 16.33 7.66 9.79
CA TYR A 17 14.94 7.53 9.42
C TYR A 17 14.82 7.31 7.93
N VAL A 18 13.97 6.38 7.52
CA VAL A 18 13.78 6.15 6.09
C VAL A 18 12.32 6.32 5.75
N ASN A 19 12.02 7.21 4.82
CA ASN A 19 10.64 7.40 4.42
C ASN A 19 10.35 6.69 3.12
N ASP A 20 9.16 6.09 3.07
CA ASP A 20 8.71 5.38 1.88
C ASP A 20 7.50 6.05 1.25
N PRO A 21 7.69 6.85 0.22
CA PRO A 21 6.55 7.49 -0.45
C PRO A 21 5.71 6.50 -1.23
N ALA A 22 6.20 5.27 -1.30
CA ALA A 22 5.44 4.20 -1.92
C ALA A 22 4.96 4.46 -3.32
N HIS A 23 5.81 5.06 -4.15
CA HIS A 23 5.42 5.29 -5.54
C HIS A 23 4.12 6.04 -5.68
N PHE A 24 3.88 7.05 -4.83
CA PHE A 24 2.71 7.92 -4.90
C PHE A 24 1.43 7.35 -4.31
N ALA A 25 1.53 6.30 -3.49
CA ALA A 25 0.34 5.73 -2.87
C ALA A 25 -0.27 6.70 -1.87
N ALA A 26 -1.55 6.51 -1.58
CA ALA A 26 -2.31 7.36 -0.67
C ALA A 26 -1.89 7.28 0.78
N VAL A 27 -1.24 6.20 1.19
CA VAL A 27 -0.75 6.08 2.55
C VAL A 27 0.69 5.61 2.48
N THR A 28 1.55 6.06 3.41
CA THR A 28 2.97 5.80 3.34
C THR A 28 3.49 5.41 4.72
N GLN A 29 4.77 5.07 4.80
CA GLN A 29 5.35 4.69 6.06
C GLN A 29 6.72 5.30 6.26
N GLN A 30 7.12 5.44 7.52
CA GLN A 30 8.45 5.93 7.86
C GLN A 30 9.03 4.87 8.77
N PHE A 31 10.29 4.44 8.53
CA PHE A 31 10.94 3.41 9.34
C PHE A 31 12.01 4.06 10.22
N VAL A 32 12.01 3.82 11.52
CA VAL A 32 13.03 4.38 12.40
C VAL A 32 14.03 3.26 12.64
N ILE A 33 15.31 3.47 12.35
CA ILE A 33 16.29 2.41 12.38
C ILE A 33 17.50 2.74 13.21
N ASP A 34 18.00 1.77 13.96
CA ASP A 34 19.23 2.02 14.70
C ASP A 34 20.35 1.69 13.74
N GLY A 35 21.11 2.66 13.27
CA GLY A 35 22.13 2.37 12.29
C GLY A 35 23.25 1.47 12.77
N GLU A 36 23.49 1.48 14.07
CA GLU A 36 24.56 0.69 14.68
C GLU A 36 24.30 -0.81 14.64
N ALA A 37 23.07 -1.19 15.02
CA ALA A 37 22.67 -2.57 15.03
C ALA A 37 22.07 -3.00 13.71
N GLY A 38 21.58 -2.03 12.94
CA GLY A 38 20.96 -2.41 11.66
C GLY A 38 19.62 -3.07 11.93
N ARG A 39 18.86 -2.45 12.84
CA ARG A 39 17.58 -2.97 13.25
C ARG A 39 16.48 -1.93 13.21
N VAL A 40 15.28 -2.35 12.79
CA VAL A 40 14.16 -1.42 12.82
C VAL A 40 13.66 -1.28 14.25
N ILE A 41 13.67 -0.06 14.80
CA ILE A 41 13.22 0.14 16.16
C ILE A 41 11.83 0.77 16.29
N GLY A 42 11.20 1.13 15.17
CA GLY A 42 9.88 1.74 15.23
C GLY A 42 9.42 2.14 13.84
N MET A 43 8.17 2.56 13.74
CA MET A 43 7.61 2.99 12.47
C MET A 43 6.61 4.10 12.72
N ILE A 44 6.29 4.86 11.68
CA ILE A 44 5.33 5.92 11.77
C ILE A 44 4.49 5.89 10.51
N ASP A 45 3.16 5.98 10.62
CA ASP A 45 2.32 5.96 9.44
C ASP A 45 2.13 7.38 8.90
N GLY A 46 2.01 7.57 7.59
CA GLY A 46 1.76 8.90 7.04
C GLY A 46 0.80 8.85 5.88
N GLY A 47 0.32 10.02 5.44
CA GLY A 47 -0.64 10.04 4.36
C GLY A 47 0.03 10.12 3.01
N PHE A 48 -0.54 10.96 2.15
CA PHE A 48 -0.03 11.11 0.80
C PHE A 48 1.15 12.06 0.73
N LEU A 49 2.26 11.60 0.15
CA LEU A 49 3.46 12.42 -0.03
C LEU A 49 3.81 13.31 1.15
N PRO A 50 3.98 12.73 2.34
CA PRO A 50 4.29 13.56 3.50
C PRO A 50 5.73 14.06 3.49
N ASN A 51 5.97 15.18 4.18
CA ASN A 51 7.30 15.77 4.34
C ASN A 51 7.75 15.56 5.76
N PRO A 52 8.83 14.81 5.96
CA PRO A 52 9.30 14.58 7.30
C PRO A 52 10.33 15.60 7.71
N VAL A 53 10.41 15.84 9.01
CA VAL A 53 11.47 16.67 9.58
C VAL A 53 11.89 16.02 10.89
N VAL A 54 13.10 16.29 11.29
CA VAL A 54 13.58 15.71 12.53
C VAL A 54 14.39 16.76 13.25
N ALA A 55 14.08 17.02 14.51
CA ALA A 55 14.81 18.02 15.29
C ALA A 55 16.24 17.59 15.49
N ASP A 56 17.20 18.48 15.20
CA ASP A 56 18.59 18.13 15.35
C ASP A 56 18.97 17.75 16.77
N ASP A 57 18.24 18.29 17.71
CA ASP A 57 18.57 17.98 19.09
C ASP A 57 17.94 16.70 19.58
N GLY A 58 17.17 16.04 18.72
CA GLY A 58 16.50 14.79 19.05
C GLY A 58 15.28 14.90 19.95
N SER A 59 14.80 16.12 20.16
CA SER A 59 13.67 16.25 21.03
C SER A 59 12.37 15.82 20.40
N PHE A 60 12.29 15.78 19.08
CA PHE A 60 11.01 15.39 18.49
C PHE A 60 11.17 15.10 17.02
N ILE A 61 10.14 14.51 16.41
CA ILE A 61 10.12 14.32 14.96
C ILE A 61 8.74 14.75 14.50
N ALA A 62 8.60 15.15 13.24
CA ALA A 62 7.28 15.56 12.84
C ALA A 62 7.11 15.38 11.35
N HIS A 63 5.90 15.55 10.87
CA HIS A 63 5.71 15.51 9.43
C HIS A 63 4.51 16.34 9.04
N ALA A 64 4.49 16.83 7.81
CA ALA A 64 3.34 17.52 7.27
C ALA A 64 2.71 16.46 6.39
N SER A 65 1.41 16.24 6.47
CA SER A 65 0.83 15.11 5.79
C SER A 65 -0.57 15.42 5.27
N THR A 66 -1.14 14.53 4.48
CA THR A 66 -2.44 14.80 3.87
C THR A 66 -3.29 13.52 3.85
N VAL A 67 -4.53 13.57 4.30
CA VAL A 67 -5.41 12.39 4.28
C VAL A 67 -6.71 12.79 3.62
N PHE A 68 -7.50 11.82 3.15
CA PHE A 68 -8.77 12.13 2.50
C PHE A 68 -9.86 11.35 3.22
N SER A 69 -11.07 11.84 3.19
CA SER A 69 -12.10 11.13 3.92
C SER A 69 -12.47 9.78 3.33
N ARG A 70 -12.16 9.57 2.07
CA ARG A 70 -12.51 8.29 1.44
C ARG A 70 -11.32 7.77 0.67
N ILE A 71 -10.26 7.52 1.41
CA ILE A 71 -9.02 6.97 0.91
C ILE A 71 -8.27 7.94 0.04
N ALA A 72 -8.79 8.22 -1.14
CA ALA A 72 -8.05 9.10 -2.02
C ALA A 72 -8.92 10.16 -2.64
N ARG A 73 -10.13 10.29 -2.11
CA ARG A 73 -11.07 11.31 -2.60
C ARG A 73 -11.97 11.74 -1.46
N GLY A 74 -12.90 12.66 -1.68
CA GLY A 74 -13.67 13.11 -0.55
C GLY A 74 -12.98 14.35 0.03
N GLU A 75 -13.23 14.66 1.29
CA GLU A 75 -12.67 15.85 1.92
C GLU A 75 -11.19 15.70 2.15
N ARG A 76 -10.42 16.72 1.75
CA ARG A 76 -8.99 16.65 2.02
C ARG A 76 -8.61 17.29 3.34
N THR A 77 -7.67 16.74 4.10
CA THR A 77 -7.22 17.38 5.33
C THR A 77 -5.70 17.34 5.32
N ASP A 78 -5.08 18.51 5.35
CA ASP A 78 -3.63 18.65 5.48
C ASP A 78 -3.36 18.90 6.94
N TYR A 79 -2.28 18.35 7.51
CA TYR A 79 -2.04 18.59 8.92
C TYR A 79 -0.58 18.34 9.25
N VAL A 80 -0.16 18.78 10.42
CA VAL A 80 1.18 18.50 10.89
C VAL A 80 1.04 17.62 12.14
N GLU A 81 1.86 16.58 12.34
CA GLU A 81 1.78 15.81 13.58
C GLU A 81 3.17 15.82 14.13
N VAL A 82 3.30 16.00 15.44
CA VAL A 82 4.57 15.96 16.13
C VAL A 82 4.58 14.67 16.95
N PHE A 83 5.70 13.97 17.03
CA PHE A 83 5.73 12.68 17.74
C PHE A 83 6.83 12.65 18.77
N ASP A 84 6.62 11.99 19.88
CA ASP A 84 7.70 11.84 20.84
C ASP A 84 8.66 10.81 20.24
N PRO A 85 9.95 11.02 20.34
CA PRO A 85 10.90 10.14 19.71
C PRO A 85 11.17 8.81 20.39
N VAL A 86 10.69 8.62 21.62
CA VAL A 86 10.87 7.35 22.30
C VAL A 86 9.60 6.54 22.36
N THR A 87 8.47 7.20 22.62
CA THR A 87 7.22 6.45 22.64
C THR A 87 6.58 6.41 21.27
N LEU A 88 6.97 7.30 20.38
CA LEU A 88 6.38 7.37 19.05
C LEU A 88 4.90 7.76 19.02
N LEU A 89 4.38 8.27 20.12
CA LEU A 89 3.00 8.73 20.17
C LEU A 89 2.92 10.18 19.69
N PRO A 90 1.83 10.58 19.06
CA PRO A 90 1.75 11.98 18.64
C PRO A 90 1.57 12.88 19.84
N THR A 91 2.25 14.02 19.86
CA THR A 91 2.11 14.99 20.93
C THR A 91 1.37 16.22 20.45
N ALA A 92 1.13 16.30 19.16
CA ALA A 92 0.36 17.43 18.61
C ALA A 92 -0.16 17.04 17.23
N ASP A 93 -1.32 17.53 16.86
CA ASP A 93 -1.90 17.29 15.56
C ASP A 93 -2.50 18.62 15.17
N ILE A 94 -1.86 19.32 14.25
CA ILE A 94 -2.27 20.66 13.94
C ILE A 94 -2.83 20.76 12.54
N GLU A 95 -4.10 21.05 12.36
CA GLU A 95 -4.66 21.15 11.02
C GLU A 95 -4.17 22.35 10.22
N LEU A 96 -4.03 22.17 8.90
CA LEU A 96 -3.63 23.26 8.01
C LEU A 96 -4.83 23.48 7.10
N PRO A 97 -5.72 24.36 7.50
CA PRO A 97 -6.94 24.60 6.73
C PRO A 97 -6.69 25.09 5.32
N ASP A 98 -7.65 24.75 4.48
CA ASP A 98 -7.62 25.15 3.11
C ASP A 98 -6.54 24.49 2.25
N ALA A 99 -6.22 23.24 2.53
CA ALA A 99 -5.33 22.40 1.72
C ALA A 99 -4.15 23.12 1.10
N PRO A 100 -3.23 23.60 1.91
CA PRO A 100 -2.13 24.36 1.34
C PRO A 100 -0.88 23.61 0.95
N ARG A 101 -0.73 22.32 1.25
CA ARG A 101 0.53 21.65 0.91
C ARG A 101 0.81 21.46 -0.56
N PHE A 102 2.09 21.51 -0.91
CA PHE A 102 2.53 21.25 -2.28
C PHE A 102 2.73 19.74 -2.39
N LEU A 103 1.95 19.07 -3.24
CA LEU A 103 2.10 17.62 -3.39
C LEU A 103 3.10 17.30 -4.49
N VAL A 104 4.29 16.79 -4.13
CA VAL A 104 5.33 16.53 -5.12
C VAL A 104 6.19 15.41 -4.58
N GLY A 105 6.94 14.71 -5.43
CA GLY A 105 7.83 13.64 -4.99
C GLY A 105 8.66 14.22 -3.86
N THR A 106 8.95 13.48 -2.81
CA THR A 106 9.53 14.11 -1.64
C THR A 106 10.88 14.79 -1.73
N TYR A 107 10.90 16.11 -1.48
CA TYR A 107 12.12 16.89 -1.40
C TYR A 107 12.23 17.33 0.05
N PRO A 108 13.29 16.95 0.74
CA PRO A 108 13.38 17.32 2.14
C PRO A 108 13.24 18.79 2.43
N TRP A 109 13.85 19.64 1.60
CA TRP A 109 13.81 21.06 1.92
C TRP A 109 12.58 21.82 1.50
N MET A 110 11.47 21.12 1.26
CA MET A 110 10.21 21.78 0.98
C MET A 110 9.39 21.93 2.26
N THR A 111 9.92 21.43 3.37
CA THR A 111 9.28 21.57 4.69
C THR A 111 10.42 21.58 5.67
N SER A 112 10.54 22.62 6.48
CA SER A 112 11.74 22.71 7.28
C SER A 112 11.54 23.31 8.66
N LEU A 113 12.47 23.04 9.57
CA LEU A 113 12.39 23.57 10.91
C LEU A 113 13.29 24.76 11.12
N THR A 114 12.87 25.74 11.94
CA THR A 114 13.77 26.83 12.27
C THR A 114 14.77 26.30 13.28
N PRO A 115 15.91 26.97 13.46
CA PRO A 115 16.96 26.44 14.31
C PRO A 115 16.59 26.18 15.76
N ASP A 116 15.62 26.93 16.23
CA ASP A 116 15.14 26.83 17.58
C ASP A 116 14.19 25.66 17.76
N GLY A 117 13.72 25.07 16.68
CA GLY A 117 12.78 23.96 16.79
C GLY A 117 11.34 24.37 17.07
N LYS A 118 11.09 25.67 17.12
CA LYS A 118 9.75 26.14 17.44
C LYS A 118 8.81 26.38 16.29
N THR A 119 9.33 26.47 15.07
CA THR A 119 8.48 26.75 13.94
C THR A 119 8.77 25.83 12.78
N LEU A 120 7.71 25.44 12.09
CA LEU A 120 7.82 24.60 10.93
C LEU A 120 7.33 25.43 9.77
N LEU A 121 8.09 25.46 8.68
CA LEU A 121 7.71 26.20 7.49
C LEU A 121 7.47 25.21 6.34
N PHE A 122 6.48 25.44 5.49
CA PHE A 122 6.23 24.53 4.39
C PHE A 122 5.84 25.31 3.15
N TYR A 123 6.14 24.74 2.00
CA TYR A 123 5.88 25.43 0.75
C TYR A 123 4.53 25.12 0.16
N GLN A 124 3.88 26.18 -0.37
CA GLN A 124 2.61 26.10 -1.10
C GLN A 124 2.93 26.49 -2.53
N PHE A 125 2.50 25.72 -3.52
CA PHE A 125 2.83 26.05 -4.90
C PHE A 125 1.69 26.74 -5.62
N SER A 126 0.49 26.36 -5.25
CA SER A 126 -0.72 26.85 -5.90
C SER A 126 -1.76 27.19 -4.86
N PRO A 127 -2.66 28.13 -5.12
CA PRO A 127 -2.84 28.94 -6.30
C PRO A 127 -1.64 29.84 -6.63
N ALA A 128 -0.84 30.19 -5.61
CA ALA A 128 0.34 31.01 -5.84
C ALA A 128 1.40 30.59 -4.83
N PRO A 129 2.67 30.88 -5.10
CA PRO A 129 3.70 30.50 -4.15
C PRO A 129 3.59 31.18 -2.81
N ALA A 130 3.83 30.42 -1.76
CA ALA A 130 3.80 30.97 -0.43
C ALA A 130 4.42 29.97 0.51
N VAL A 131 4.70 30.43 1.71
CA VAL A 131 5.29 29.59 2.71
C VAL A 131 4.43 29.67 3.96
N GLY A 132 3.95 28.53 4.42
CA GLY A 132 3.07 28.55 5.59
C GLY A 132 3.90 28.50 6.87
N VAL A 133 3.45 29.18 7.91
CA VAL A 133 4.15 29.21 9.18
C VAL A 133 3.39 28.43 10.25
N VAL A 134 4.01 27.37 10.80
CA VAL A 134 3.32 26.59 11.82
C VAL A 134 4.05 26.79 13.15
N ASP A 135 3.34 27.16 14.19
CA ASP A 135 3.96 27.35 15.49
C ASP A 135 3.87 26.05 16.26
N LEU A 136 4.97 25.35 16.40
CA LEU A 136 4.94 24.05 17.03
C LEU A 136 4.75 24.13 18.53
N GLU A 137 5.24 25.21 19.07
CA GLU A 137 5.18 25.41 20.50
C GLU A 137 3.79 25.76 20.96
N GLY A 138 3.15 26.61 20.19
CA GLY A 138 1.79 26.98 20.52
C GLY A 138 0.81 26.00 19.88
N LYS A 139 1.31 25.08 19.05
CA LYS A 139 0.45 24.13 18.37
C LYS A 139 -0.59 24.80 17.52
N ALA A 140 -0.15 25.67 16.62
CA ALA A 140 -1.15 26.29 15.78
C ALA A 140 -0.59 26.75 14.46
N PHE A 141 -1.43 26.74 13.44
CA PHE A 141 -1.04 27.25 12.15
C PHE A 141 -1.15 28.77 12.23
N LYS A 142 -0.09 29.51 11.91
CA LYS A 142 -0.15 30.96 12.01
C LYS A 142 -0.60 31.67 10.76
N ARG A 143 0.13 31.45 9.67
CA ARG A 143 -0.28 32.15 8.47
C ARG A 143 0.57 31.78 7.29
N MET A 144 0.16 32.29 6.13
CA MET A 144 0.85 32.05 4.87
C MET A 144 1.63 33.31 4.55
N LEU A 145 2.86 33.17 4.11
CA LEU A 145 3.67 34.30 3.68
C LEU A 145 3.72 34.29 2.16
N ASP A 146 3.42 35.41 1.50
CA ASP A 146 3.50 35.48 0.04
C ASP A 146 4.93 35.71 -0.37
N VAL A 147 5.41 34.90 -1.33
CA VAL A 147 6.77 35.01 -1.81
C VAL A 147 6.75 35.04 -3.33
N PRO A 148 7.86 35.44 -3.93
CA PRO A 148 7.96 35.46 -5.38
C PRO A 148 8.15 34.04 -5.91
N ASP A 149 8.45 33.90 -7.20
CA ASP A 149 8.61 32.61 -7.85
C ASP A 149 9.91 31.99 -7.40
N CYS A 150 9.91 31.46 -6.18
CA CYS A 150 11.09 30.86 -5.58
C CYS A 150 10.70 29.52 -4.97
N TYR A 151 11.70 28.69 -4.68
CA TYR A 151 11.50 27.32 -4.25
C TYR A 151 12.47 26.87 -3.17
N HIS A 152 12.05 25.91 -2.34
CA HIS A 152 12.85 25.35 -1.25
C HIS A 152 12.91 26.33 -0.09
N ILE A 153 13.21 25.87 1.13
CA ILE A 153 13.20 26.75 2.29
C ILE A 153 14.33 26.38 3.22
N PHE A 154 15.34 27.25 3.38
CA PHE A 154 16.47 26.94 4.23
C PHE A 154 16.52 27.94 5.37
N PRO A 155 16.02 27.53 6.54
CA PRO A 155 15.94 28.45 7.64
C PRO A 155 17.30 28.69 8.28
N THR A 156 17.57 29.96 8.54
CA THR A 156 18.83 30.38 9.17
C THR A 156 18.64 30.94 10.55
N ALA A 157 17.41 31.24 10.89
CA ALA A 157 17.12 31.78 12.20
C ALA A 157 15.64 31.65 12.46
N PRO A 158 15.25 31.99 13.68
CA PRO A 158 13.86 31.87 14.08
C PRO A 158 12.92 32.66 13.23
N ASP A 159 13.44 33.63 12.48
CA ASP A 159 12.51 34.41 11.68
C ASP A 159 13.02 34.71 10.27
N THR A 160 13.94 33.87 9.82
CA THR A 160 14.53 34.10 8.52
C THR A 160 14.80 32.79 7.79
N PHE A 161 14.57 32.82 6.47
CA PHE A 161 14.85 31.67 5.63
C PHE A 161 15.28 32.10 4.25
N PHE A 162 15.96 31.20 3.52
CA PHE A 162 16.37 31.49 2.16
C PHE A 162 15.62 30.57 1.21
N MET A 163 15.42 31.03 -0.02
CA MET A 163 14.74 30.24 -1.03
C MET A 163 15.56 30.42 -2.30
N HIS A 164 15.42 29.51 -3.26
CA HIS A 164 16.16 29.64 -4.51
C HIS A 164 15.19 30.12 -5.58
N CYS A 165 15.48 31.22 -6.26
CA CYS A 165 14.51 31.73 -7.21
C CYS A 165 14.73 31.33 -8.65
N ARG A 166 13.68 31.34 -9.46
CA ARG A 166 13.82 30.94 -10.86
C ARG A 166 14.88 31.73 -11.60
N ASP A 167 15.08 32.98 -11.19
CA ASP A 167 16.04 33.84 -11.85
C ASP A 167 17.49 33.51 -11.53
N GLY A 168 17.73 32.61 -10.58
CA GLY A 168 19.12 32.26 -10.27
C GLY A 168 19.64 32.91 -9.00
N SER A 169 18.82 33.69 -8.35
CA SER A 169 19.27 34.29 -7.12
C SER A 169 18.73 33.49 -5.96
N LEU A 170 19.18 33.85 -4.77
CA LEU A 170 18.55 33.34 -3.55
C LEU A 170 17.70 34.49 -3.01
N ALA A 171 16.54 34.22 -2.44
CA ALA A 171 15.71 35.22 -1.78
C ALA A 171 15.82 35.03 -0.28
N LYS A 172 16.13 36.12 0.41
CA LYS A 172 16.22 36.12 1.85
C LYS A 172 14.89 36.61 2.36
N VAL A 173 14.24 35.80 3.18
CA VAL A 173 12.92 36.12 3.69
C VAL A 173 12.94 36.29 5.18
N ALA A 174 12.71 37.52 5.64
CA ALA A 174 12.69 37.80 7.05
C ALA A 174 11.25 38.03 7.43
N PHE A 175 10.75 37.19 8.30
CA PHE A 175 9.39 37.36 8.74
C PHE A 175 9.56 37.49 10.22
N GLY A 176 8.72 37.88 10.62
CA GLY A 176 8.74 38.84 11.72
C GLY A 176 7.34 39.04 12.36
N THR A 177 6.74 37.89 12.61
CA THR A 177 5.43 37.62 13.34
C THR A 177 4.12 38.50 13.14
N GLU A 178 3.98 39.20 12.05
CA GLU A 178 2.75 40.01 11.80
C GLU A 178 3.16 41.00 10.69
N GLY A 179 2.49 41.14 9.63
CA GLY A 179 3.01 42.12 8.67
C GLY A 179 3.06 41.51 7.32
N THR A 180 4.09 41.89 6.60
CA THR A 180 4.44 41.47 5.26
C THR A 180 5.95 41.29 5.34
N PRO A 181 6.45 40.16 4.87
CA PRO A 181 7.85 39.84 5.01
C PRO A 181 8.79 40.74 4.21
N GLU A 182 9.98 40.98 4.76
CA GLU A 182 10.99 41.73 4.02
C GLU A 182 11.69 40.71 3.14
N ILE A 183 11.60 40.88 1.84
CA ILE A 183 12.23 39.96 0.92
C ILE A 183 13.38 40.62 0.21
N THR A 184 14.58 40.06 0.36
CA THR A 184 15.80 40.57 -0.26
C THR A 184 16.40 39.55 -1.22
N HIS A 185 17.07 40.00 -2.26
CA HIS A 185 17.71 39.05 -3.17
C HIS A 185 19.21 39.16 -3.17
N THR A 186 19.89 38.04 -3.38
CA THR A 186 21.32 38.01 -3.55
C THR A 186 21.60 38.21 -5.03
N GLU A 187 22.87 38.17 -5.40
CA GLU A 187 23.23 38.21 -6.81
C GLU A 187 22.82 36.89 -7.40
N VAL A 188 22.72 36.85 -8.71
CA VAL A 188 22.42 35.62 -9.40
C VAL A 188 23.67 34.78 -9.30
N PHE A 189 23.53 33.55 -8.84
CA PHE A 189 24.71 32.77 -8.66
C PHE A 189 24.93 31.66 -9.66
N HIS A 190 23.99 31.47 -10.58
CA HIS A 190 24.16 30.45 -11.60
C HIS A 190 23.43 30.87 -12.86
N PRO A 191 23.92 30.43 -13.99
CA PRO A 191 23.30 30.70 -15.28
C PRO A 191 22.05 29.88 -15.51
N GLU A 192 21.35 30.20 -16.58
CA GLU A 192 20.13 29.51 -16.92
C GLU A 192 20.32 28.14 -17.51
N ASP A 193 21.56 27.85 -17.87
CA ASP A 193 21.92 26.58 -18.46
C ASP A 193 22.55 25.59 -17.49
N GLU A 194 22.71 25.98 -16.22
CA GLU A 194 23.15 25.10 -15.15
C GLU A 194 21.89 24.71 -14.39
N PHE A 195 21.60 23.41 -14.29
CA PHE A 195 20.37 23.00 -13.62
C PHE A 195 20.67 22.51 -12.22
N LEU A 196 20.13 23.18 -11.21
CA LEU A 196 20.42 22.79 -9.85
C LEU A 196 19.48 21.68 -9.39
N ILE A 197 20.01 20.57 -8.86
CA ILE A 197 19.15 19.45 -8.51
C ILE A 197 18.09 19.79 -7.46
N ASN A 198 17.07 18.94 -7.39
CA ASN A 198 15.97 19.14 -6.44
C ASN A 198 16.32 18.76 -5.03
N HIS A 199 17.47 18.10 -4.83
CA HIS A 199 17.88 17.64 -3.51
C HIS A 199 19.25 18.11 -3.02
N PRO A 200 19.40 19.40 -2.77
CA PRO A 200 20.65 19.90 -2.23
C PRO A 200 20.78 19.40 -0.80
N ALA A 201 21.97 19.44 -0.25
CA ALA A 201 22.20 19.11 1.16
C ALA A 201 22.37 20.42 1.89
N TYR A 202 21.80 20.51 3.08
CA TYR A 202 21.91 21.72 3.86
C TYR A 202 22.18 21.35 5.29
N SER A 203 23.25 21.91 5.85
CA SER A 203 23.55 21.69 7.26
C SER A 203 23.18 22.94 8.02
N GLN A 204 22.09 22.91 8.76
CA GLN A 204 21.64 24.10 9.46
C GLN A 204 22.61 24.57 10.52
N LYS A 205 23.19 23.63 11.23
CA LYS A 205 24.13 24.02 12.26
C LYS A 205 25.36 24.69 11.69
N ALA A 206 25.72 24.27 10.48
CA ALA A 206 26.89 24.83 9.84
C ALA A 206 26.58 26.01 8.95
N GLY A 207 25.31 26.13 8.57
CA GLY A 207 24.83 27.18 7.68
C GLY A 207 25.34 26.95 6.27
N ARG A 208 25.72 25.71 5.94
CA ARG A 208 26.26 25.39 4.65
C ARG A 208 25.24 24.75 3.73
N LEU A 209 25.00 25.35 2.56
CA LEU A 209 24.11 24.78 1.57
C LEU A 209 24.99 24.16 0.47
N VAL A 210 24.88 22.86 0.19
CA VAL A 210 25.71 22.26 -0.85
C VAL A 210 24.78 21.93 -2.00
N TRP A 211 24.98 22.55 -3.16
CA TRP A 211 24.02 22.32 -4.24
C TRP A 211 24.67 21.91 -5.55
N PRO A 212 24.51 20.66 -5.96
CA PRO A 212 25.14 20.26 -7.21
C PRO A 212 24.28 20.51 -8.43
N THR A 213 24.92 20.51 -9.62
CA THR A 213 24.20 20.67 -10.87
C THR A 213 24.08 19.31 -11.54
N TYR A 214 23.37 19.19 -12.64
CA TYR A 214 23.28 17.91 -13.32
C TYR A 214 24.63 17.36 -13.72
N THR A 215 25.64 18.23 -13.81
CA THR A 215 26.98 17.83 -14.22
C THR A 215 27.94 17.54 -13.10
N GLY A 216 27.52 17.73 -11.86
CA GLY A 216 28.51 17.44 -10.83
C GLY A 216 29.26 18.68 -10.36
N LYS A 217 28.96 19.83 -10.96
CA LYS A 217 29.57 21.06 -10.47
C LYS A 217 28.86 21.36 -9.19
N ILE A 218 29.61 21.75 -8.17
CA ILE A 218 29.02 21.97 -6.86
C ILE A 218 29.12 23.39 -6.41
N HIS A 219 27.97 24.00 -6.23
CA HIS A 219 27.92 25.33 -5.69
C HIS A 219 27.83 25.18 -4.18
N GLN A 220 28.59 25.97 -3.42
CA GLN A 220 28.44 25.96 -1.96
C GLN A 220 28.14 27.38 -1.53
N ILE A 221 27.17 27.53 -0.64
CA ILE A 221 26.78 28.83 -0.15
C ILE A 221 26.87 28.78 1.35
N ASP A 222 27.51 29.77 1.98
CA ASP A 222 27.61 29.83 3.42
C ASP A 222 26.60 30.83 3.94
N LEU A 223 25.68 30.39 4.80
CA LEU A 223 24.65 31.29 5.31
C LEU A 223 24.85 31.65 6.78
N SER A 224 25.93 31.16 7.35
CA SER A 224 26.19 31.36 8.77
C SER A 224 26.23 32.79 9.32
N SER A 225 26.43 33.78 8.45
CA SER A 225 26.50 35.17 8.85
C SER A 225 25.13 35.83 8.85
N GLY A 226 24.12 35.05 8.46
CA GLY A 226 22.80 35.62 8.36
C GLY A 226 22.64 36.15 6.96
N ASP A 227 23.73 36.07 6.20
CA ASP A 227 23.72 36.49 4.82
C ASP A 227 24.46 35.50 3.96
N ALA A 228 24.13 35.51 2.68
CA ALA A 228 24.73 34.57 1.80
C ALA A 228 26.10 34.95 1.30
N LYS A 229 27.07 34.09 1.56
CA LYS A 229 28.41 34.25 1.03
C LYS A 229 28.63 33.13 0.03
N PHE A 230 28.90 33.46 -1.21
CA PHE A 230 29.11 32.43 -2.17
C PHE A 230 30.54 31.96 -2.15
N LEU A 231 30.69 30.66 -2.03
CA LEU A 231 31.98 30.03 -2.05
C LEU A 231 32.34 29.64 -3.46
N PRO A 232 33.62 29.36 -3.62
CA PRO A 232 34.18 28.94 -4.88
C PRO A 232 33.58 27.61 -5.32
N ALA A 233 33.13 27.54 -6.56
CA ALA A 233 32.55 26.32 -7.09
C ALA A 233 33.62 25.25 -7.17
N VAL A 234 33.20 24.00 -7.09
CA VAL A 234 34.09 22.85 -7.12
C VAL A 234 33.51 21.84 -8.09
N GLU A 235 34.34 21.16 -8.89
CA GLU A 235 33.87 20.17 -9.83
C GLU A 235 34.01 18.79 -9.20
N ALA A 236 32.94 18.01 -9.04
CA ALA A 236 33.11 16.72 -8.41
C ALA A 236 33.72 15.67 -9.34
N LEU A 237 33.54 15.83 -10.66
CA LEU A 237 34.08 14.91 -11.65
C LEU A 237 35.15 15.64 -12.46
N THR A 238 36.19 14.95 -12.91
CA THR A 238 37.18 15.65 -13.70
C THR A 238 36.71 15.75 -15.14
N GLU A 239 37.39 16.56 -15.90
CA GLU A 239 37.04 16.73 -17.28
C GLU A 239 37.04 15.43 -18.06
N ALA A 240 38.05 14.62 -17.77
CA ALA A 240 38.19 13.35 -18.45
C ALA A 240 37.06 12.42 -18.05
N GLU A 241 36.68 12.52 -16.79
CA GLU A 241 35.58 11.67 -16.34
C GLU A 241 34.31 12.07 -17.07
N ARG A 242 34.06 13.37 -17.12
CA ARG A 242 32.86 13.80 -17.81
C ARG A 242 32.90 13.36 -19.25
N ALA A 243 34.06 13.52 -19.89
CA ALA A 243 34.17 13.07 -21.27
C ALA A 243 33.82 11.60 -21.38
N ASP A 244 34.05 10.86 -20.29
CA ASP A 244 33.78 9.43 -20.26
C ASP A 244 32.32 9.12 -19.89
N GLY A 245 31.50 10.16 -19.73
CA GLY A 245 30.11 9.91 -19.43
C GLY A 245 29.73 9.93 -17.94
N TRP A 246 30.64 10.28 -17.04
CA TRP A 246 30.28 10.34 -15.64
C TRP A 246 29.39 11.52 -15.29
N ARG A 247 28.33 11.24 -14.55
CA ARG A 247 27.39 12.25 -14.09
C ARG A 247 26.73 11.82 -12.79
N PRO A 248 26.36 12.78 -11.94
CA PRO A 248 25.62 12.35 -10.76
C PRO A 248 24.26 11.87 -11.24
N GLY A 249 23.57 11.10 -10.38
CA GLY A 249 22.26 10.65 -10.72
C GLY A 249 21.61 9.97 -9.54
N GLY A 250 20.29 10.11 -9.39
CA GLY A 250 19.66 9.49 -8.25
C GLY A 250 18.56 10.38 -7.67
N TRP A 251 18.24 10.20 -6.40
CA TRP A 251 17.23 11.00 -5.71
C TRP A 251 17.98 11.90 -4.75
N GLN A 252 18.28 11.47 -3.50
CA GLN A 252 19.14 12.28 -2.65
C GLN A 252 20.59 12.04 -3.05
N GLN A 253 21.05 12.76 -4.07
CA GLN A 253 22.37 12.55 -4.64
C GLN A 253 23.56 13.02 -3.84
N VAL A 254 23.36 13.95 -2.91
CA VAL A 254 24.48 14.52 -2.19
C VAL A 254 24.27 14.52 -0.70
N ALA A 255 25.35 14.38 0.04
CA ALA A 255 25.30 14.42 1.49
C ALA A 255 26.47 15.24 1.94
N TYR A 256 26.38 15.81 3.13
CA TYR A 256 27.44 16.67 3.63
C TYR A 256 27.69 16.37 5.10
N HIS A 257 28.95 16.09 5.45
CA HIS A 257 29.30 15.85 6.83
C HIS A 257 29.88 17.13 7.39
N ARG A 258 29.23 17.66 8.40
CA ARG A 258 29.60 18.94 8.98
C ARG A 258 30.98 18.93 9.62
N ALA A 259 31.15 18.08 10.61
CA ALA A 259 32.40 18.07 11.33
C ALA A 259 33.61 17.77 10.48
N LEU A 260 33.47 16.88 9.50
CA LEU A 260 34.58 16.62 8.61
C LEU A 260 34.61 17.56 7.41
N ASP A 261 33.59 18.38 7.20
CA ASP A 261 33.56 19.31 6.06
C ASP A 261 33.79 18.53 4.78
N ARG A 262 32.96 17.53 4.62
CA ARG A 262 33.15 16.65 3.49
C ARG A 262 31.87 16.42 2.71
N ILE A 263 31.98 16.32 1.38
CA ILE A 263 30.85 16.10 0.51
C ILE A 263 30.84 14.72 -0.09
N TYR A 264 29.67 14.07 -0.12
CA TYR A 264 29.52 12.74 -0.71
C TYR A 264 28.57 12.87 -1.89
N LEU A 265 28.92 12.36 -3.08
CA LEU A 265 28.02 12.53 -4.21
C LEU A 265 27.83 11.24 -4.99
N LEU A 266 26.58 10.85 -5.31
CA LEU A 266 26.32 9.64 -6.07
C LEU A 266 26.57 9.91 -7.53
N VAL A 267 27.37 9.08 -8.20
CA VAL A 267 27.69 9.24 -9.61
C VAL A 267 27.80 7.90 -10.32
N ASP A 268 27.74 7.96 -11.65
CA ASP A 268 27.92 6.75 -12.44
C ASP A 268 28.01 7.19 -13.88
N GLN A 269 28.15 6.22 -14.78
CA GLN A 269 28.19 6.59 -16.17
C GLN A 269 26.77 6.49 -16.68
N ARG A 270 26.27 7.56 -17.29
CA ARG A 270 24.92 7.56 -17.80
C ARG A 270 24.70 8.61 -18.88
N ASP A 271 23.66 8.40 -19.70
CA ASP A 271 23.26 9.41 -20.67
C ASP A 271 22.85 10.66 -19.88
N GLU A 272 22.90 11.83 -20.49
CA GLU A 272 22.57 13.04 -19.77
C GLU A 272 21.17 13.18 -19.20
N TRP A 273 20.18 12.60 -19.89
CA TRP A 273 18.79 12.70 -19.44
C TRP A 273 18.36 11.54 -18.57
N ARG A 274 19.31 10.80 -17.99
CA ARG A 274 18.95 9.68 -17.12
C ARG A 274 19.31 10.05 -15.70
N HIS A 275 19.07 11.31 -15.33
CA HIS A 275 19.47 11.84 -14.05
C HIS A 275 18.80 11.32 -12.78
N LYS A 276 17.69 10.59 -12.90
CA LYS A 276 16.99 10.09 -11.73
C LYS A 276 17.22 8.61 -11.50
N THR A 277 18.05 8.00 -12.34
CA THR A 277 18.36 6.59 -12.20
C THR A 277 19.33 6.37 -11.05
N ALA A 278 19.36 5.15 -10.53
CA ALA A 278 20.25 4.84 -9.44
C ALA A 278 21.70 4.90 -9.88
N SER A 279 22.63 5.07 -8.93
CA SER A 279 24.05 5.12 -9.27
C SER A 279 24.79 4.05 -8.44
N ARG A 280 25.94 3.55 -8.90
CA ARG A 280 26.68 2.50 -8.22
C ARG A 280 27.95 2.96 -7.54
N PHE A 281 28.23 4.25 -7.64
CA PHE A 281 29.45 4.76 -7.06
C PHE A 281 29.24 6.01 -6.25
N VAL A 282 30.12 6.24 -5.30
CA VAL A 282 30.06 7.45 -4.54
C VAL A 282 31.43 8.13 -4.50
N VAL A 283 31.51 9.41 -4.86
CA VAL A 283 32.75 10.16 -4.73
C VAL A 283 32.73 10.99 -3.48
N VAL A 284 33.87 11.04 -2.82
CA VAL A 284 34.00 11.80 -1.58
C VAL A 284 35.01 12.93 -1.76
N LEU A 285 34.64 14.16 -1.38
CA LEU A 285 35.55 15.27 -1.58
C LEU A 285 35.60 16.26 -0.43
N ASP A 286 36.76 16.89 -0.30
CA ASP A 286 36.99 17.87 0.74
C ASP A 286 36.27 19.14 0.35
N ALA A 287 35.43 19.64 1.25
CA ALA A 287 34.63 20.82 0.91
C ALA A 287 35.44 22.10 0.80
N LYS A 288 36.54 22.20 1.54
CA LYS A 288 37.34 23.42 1.44
C LYS A 288 38.06 23.51 0.11
N THR A 289 38.66 22.41 -0.30
CA THR A 289 39.48 22.43 -1.49
C THR A 289 39.00 21.75 -2.75
N GLY A 290 37.94 20.96 -2.70
CA GLY A 290 37.50 20.28 -3.92
C GLY A 290 38.31 19.02 -4.17
N GLU A 291 39.26 18.76 -3.27
CA GLU A 291 40.10 17.60 -3.44
C GLU A 291 39.36 16.27 -3.27
N ARG A 292 39.57 15.35 -4.21
CA ARG A 292 38.92 14.05 -4.09
C ARG A 292 39.62 13.19 -3.07
N LEU A 293 38.85 12.68 -2.12
CA LEU A 293 39.40 11.84 -1.07
C LEU A 293 39.12 10.38 -1.31
N ALA A 294 38.12 10.07 -2.11
CA ALA A 294 37.83 8.67 -2.37
C ALA A 294 36.74 8.50 -3.40
N LYS A 295 36.64 7.31 -3.98
CA LYS A 295 35.60 6.95 -4.91
C LYS A 295 35.22 5.56 -4.48
N PHE A 296 34.02 5.34 -3.96
CA PHE A 296 33.67 4.00 -3.51
C PHE A 296 32.80 3.28 -4.52
N GLU A 297 32.96 1.97 -4.71
CA GLU A 297 32.05 1.22 -5.56
C GLU A 297 31.05 0.68 -4.58
N MET A 298 29.80 1.06 -4.69
CA MET A 298 28.85 0.67 -3.68
C MET A 298 28.41 -0.76 -3.80
N GLY A 299 28.42 -1.25 -5.02
CA GLY A 299 28.03 -2.63 -5.16
C GLY A 299 26.53 -2.87 -5.22
N HIS A 300 25.73 -1.82 -5.26
CA HIS A 300 24.29 -2.00 -5.42
C HIS A 300 23.77 -0.79 -6.17
N GLU A 301 22.52 -0.80 -6.63
CA GLU A 301 21.96 0.36 -7.29
C GLU A 301 21.41 1.25 -6.19
N ILE A 302 22.05 2.37 -5.94
CA ILE A 302 21.70 3.25 -4.85
C ILE A 302 21.02 4.51 -5.37
N ASP A 303 19.88 4.87 -4.77
CA ASP A 303 19.15 6.05 -5.19
C ASP A 303 19.43 7.23 -4.27
N SER A 304 19.65 6.98 -2.98
CA SER A 304 19.81 8.08 -2.06
C SER A 304 20.92 7.81 -1.07
N ILE A 305 21.61 8.86 -0.63
CA ILE A 305 22.62 8.65 0.38
C ILE A 305 22.46 9.69 1.46
N ASN A 306 22.99 9.41 2.64
CA ASN A 306 23.02 10.39 3.71
C ASN A 306 24.09 9.89 4.66
N VAL A 307 24.50 10.69 5.64
CA VAL A 307 25.54 10.26 6.57
C VAL A 307 25.19 10.63 8.00
N SER A 308 25.75 9.87 8.96
CA SER A 308 25.56 10.18 10.36
C SER A 308 26.49 11.35 10.65
N GLN A 309 26.16 12.21 11.59
CA GLN A 309 26.95 13.41 11.83
C GLN A 309 27.94 13.30 12.96
N ASP A 310 28.22 12.07 13.36
CA ASP A 310 29.16 11.79 14.43
C ASP A 310 30.60 11.72 13.95
N GLU A 311 31.52 11.49 14.88
CA GLU A 311 32.94 11.52 14.58
C GLU A 311 33.43 10.51 13.56
N LYS A 312 32.90 9.30 13.62
CA LYS A 312 33.28 8.31 12.65
C LYS A 312 32.00 7.81 12.02
N PRO A 313 31.54 8.62 11.09
CA PRO A 313 30.25 8.48 10.48
C PRO A 313 29.97 7.23 9.68
N LEU A 314 28.68 6.94 9.59
CA LEU A 314 28.15 5.85 8.75
C LEU A 314 27.67 6.49 7.47
N LEU A 315 27.74 5.75 6.38
CA LEU A 315 27.26 6.24 5.10
C LEU A 315 26.06 5.38 4.78
N TYR A 316 24.89 6.00 4.64
CA TYR A 316 23.68 5.28 4.33
C TYR A 316 23.40 5.35 2.86
N ALA A 317 23.09 4.20 2.27
CA ALA A 317 22.87 4.09 0.85
C ALA A 317 21.60 3.33 0.63
N LEU A 318 20.54 4.02 0.25
CA LEU A 318 19.22 3.42 0.12
C LEU A 318 18.92 3.05 -1.32
N SER A 319 18.47 1.82 -1.55
CA SER A 319 18.10 1.38 -2.88
C SER A 319 16.60 1.32 -2.98
N THR A 320 16.00 2.11 -3.88
CA THR A 320 14.56 2.07 -3.95
C THR A 320 14.08 0.73 -4.54
N GLY A 321 14.81 0.22 -5.51
CA GLY A 321 14.43 -1.02 -6.17
C GLY A 321 14.60 -2.22 -5.27
N ASP A 322 15.66 -2.25 -4.49
CA ASP A 322 15.85 -3.36 -3.56
C ASP A 322 15.06 -3.17 -2.27
N LYS A 323 14.51 -1.98 -2.03
CA LYS A 323 13.82 -1.66 -0.78
C LYS A 323 14.70 -1.97 0.41
N THR A 324 15.99 -1.63 0.30
CA THR A 324 16.90 -1.96 1.37
C THR A 324 17.86 -0.82 1.62
N LEU A 325 18.18 -0.60 2.89
CA LEU A 325 19.13 0.41 3.30
C LEU A 325 20.45 -0.30 3.53
N TYR A 326 21.50 0.04 2.79
CA TYR A 326 22.81 -0.56 3.02
C TYR A 326 23.60 0.40 3.90
N ILE A 327 24.24 -0.08 4.96
CA ILE A 327 24.97 0.79 5.83
C ILE A 327 26.45 0.58 5.62
N HIS A 328 27.19 1.63 5.33
CA HIS A 328 28.60 1.49 5.06
C HIS A 328 29.44 2.34 5.98
N ASP A 329 30.72 2.01 6.05
CA ASP A 329 31.63 2.82 6.82
C ASP A 329 32.00 3.97 5.89
N ALA A 330 31.79 5.22 6.34
CA ALA A 330 31.98 6.36 5.46
C ALA A 330 33.43 6.65 5.12
N GLU A 331 34.34 6.08 5.87
CA GLU A 331 35.75 6.33 5.62
C GLU A 331 36.33 5.32 4.63
N SER A 332 35.97 4.06 4.81
CA SER A 332 36.49 3.03 3.94
C SER A 332 35.55 2.67 2.81
N GLY A 333 34.28 2.99 2.99
CA GLY A 333 33.27 2.69 1.98
C GLY A 333 32.81 1.24 2.07
N GLU A 334 33.28 0.58 3.09
CA GLU A 334 32.93 -0.80 3.20
C GLU A 334 31.54 -1.06 3.79
N GLU A 335 30.85 -2.03 3.21
CA GLU A 335 29.49 -2.39 3.63
C GLU A 335 29.49 -3.14 4.94
N LEU A 336 28.79 -2.61 5.93
CA LEU A 336 28.73 -3.22 7.24
C LEU A 336 27.53 -4.10 7.51
N ARG A 337 26.33 -3.65 7.10
CA ARG A 337 25.08 -4.36 7.40
C ARG A 337 24.01 -3.83 6.48
N SER A 338 22.83 -4.44 6.50
CA SER A 338 21.80 -4.00 5.57
C SER A 338 20.45 -4.19 6.21
N VAL A 339 19.45 -3.38 5.89
CA VAL A 339 18.11 -3.57 6.49
C VAL A 339 17.15 -3.63 5.32
N ASN A 340 16.46 -4.76 5.12
CA ASN A 340 15.59 -4.93 3.96
C ASN A 340 14.12 -4.83 4.32
N GLN A 341 13.26 -5.04 3.32
CA GLN A 341 11.82 -4.97 3.55
C GLN A 341 11.37 -3.61 4.02
N LEU A 342 12.00 -2.57 3.46
CA LEU A 342 11.63 -1.21 3.78
C LEU A 342 10.51 -0.66 2.94
N GLY A 343 9.34 -1.27 2.97
CA GLY A 343 8.23 -0.67 2.27
C GLY A 343 8.18 -0.98 0.79
N HIS A 344 7.53 -0.09 0.06
CA HIS A 344 7.30 -0.27 -1.36
C HIS A 344 8.27 0.44 -2.29
N GLY A 345 8.69 1.63 -1.88
CA GLY A 345 9.60 2.37 -2.72
C GLY A 345 10.31 3.42 -1.90
N PRO A 346 11.03 2.99 -0.89
CA PRO A 346 11.69 3.93 0.01
C PRO A 346 12.61 4.86 -0.75
N GLN A 347 12.62 6.16 -0.38
CA GLN A 347 13.42 7.13 -1.08
C GLN A 347 14.19 8.13 -0.24
N VAL A 348 13.73 8.48 0.96
CA VAL A 348 14.37 9.53 1.73
C VAL A 348 15.01 9.11 3.02
N ILE A 349 16.26 9.56 3.22
CA ILE A 349 16.96 9.24 4.46
C ILE A 349 17.11 10.51 5.25
N THR A 350 16.77 10.48 6.54
CA THR A 350 16.94 11.65 7.35
C THR A 350 17.75 11.31 8.60
N THR A 351 18.70 12.16 9.00
CA THR A 351 19.45 11.88 10.22
C THR A 351 19.51 13.20 10.98
N ALA A 352 19.75 13.17 12.29
CA ALA A 352 19.86 14.37 13.10
C ALA A 352 21.31 14.75 13.31
N ASP A 353 21.61 16.04 13.45
CA ASP A 353 22.96 16.51 13.76
C ASP A 353 22.95 16.86 15.24
N MET A 354 23.12 15.84 16.06
CA MET A 354 22.99 16.03 17.49
C MET A 354 24.15 16.68 18.18
N GLY A 355 25.27 16.69 17.47
CA GLY A 355 26.51 17.23 17.98
C GLY A 355 26.56 18.74 18.15
N THR B 1 17.60 -2.22 -20.65
CA THR B 1 17.87 -2.91 -19.40
C THR B 1 18.73 -2.02 -18.50
N ASP B 2 19.89 -1.62 -19.05
CA ASP B 2 20.81 -0.73 -18.36
C ASP B 2 20.04 0.56 -18.21
N PRO B 3 19.56 0.78 -17.01
CA PRO B 3 18.71 1.92 -16.81
C PRO B 3 19.41 3.22 -17.13
N ARG B 4 20.73 3.21 -17.06
CA ARG B 4 21.49 4.43 -17.26
C ARG B 4 21.75 4.74 -18.74
N ALA B 5 21.46 3.79 -19.60
CA ALA B 5 21.71 4.04 -21.00
C ALA B 5 20.68 4.97 -21.61
N LYS B 6 21.08 5.59 -22.71
CA LYS B 6 20.22 6.52 -23.39
C LYS B 6 18.91 5.88 -23.73
N TRP B 7 17.84 6.63 -23.56
CA TRP B 7 16.52 6.11 -23.84
C TRP B 7 16.34 5.89 -25.34
N VAL B 8 15.72 4.76 -25.73
CA VAL B 8 15.46 4.40 -27.11
C VAL B 8 13.97 4.14 -27.28
N PRO B 9 13.25 5.02 -27.99
CA PRO B 9 11.83 4.85 -28.12
C PRO B 9 11.42 3.75 -29.08
N GLN B 10 10.18 3.29 -28.97
CA GLN B 10 9.60 2.28 -29.85
C GLN B 10 8.19 2.72 -30.14
N ASP B 11 7.57 2.20 -31.20
CA ASP B 11 6.22 2.63 -31.54
C ASP B 11 5.31 1.43 -31.68
N ASN B 12 5.50 0.43 -30.84
CA ASN B 12 4.64 -0.72 -30.96
C ASN B 12 3.92 -1.16 -29.71
N ASP B 13 4.42 -0.87 -28.53
CA ASP B 13 3.65 -1.33 -27.38
C ASP B 13 3.41 -0.14 -26.46
N ILE B 14 2.16 0.31 -26.37
CA ILE B 14 1.85 1.48 -25.60
C ILE B 14 1.97 1.28 -24.10
N GLN B 15 1.98 0.02 -23.68
CA GLN B 15 2.03 -0.26 -22.27
C GLN B 15 3.44 -0.36 -21.73
N ALA B 16 4.43 -0.32 -22.63
CA ALA B 16 5.83 -0.41 -22.23
C ALA B 16 6.42 0.96 -21.94
N CYS B 17 7.39 1.02 -21.05
CA CYS B 17 7.96 2.30 -20.66
C CYS B 17 8.81 2.95 -21.74
N ASP B 18 9.15 2.20 -22.77
CA ASP B 18 9.96 2.79 -23.82
C ASP B 18 9.08 3.25 -24.97
N TYR B 19 7.75 3.21 -24.81
CA TYR B 19 6.86 3.70 -25.88
C TYR B 19 7.24 5.15 -26.13
N TRP B 20 7.32 5.58 -27.39
CA TRP B 20 7.80 6.91 -27.76
C TRP B 20 7.16 8.07 -27.04
N ARG B 21 5.85 8.01 -26.82
CA ARG B 21 5.17 9.12 -26.15
C ARG B 21 5.44 9.30 -24.67
N HIS B 22 5.99 8.29 -24.02
CA HIS B 22 6.20 8.33 -22.57
C HIS B 22 7.56 8.89 -22.19
N CYS B 23 8.16 9.68 -23.07
CA CYS B 23 9.53 10.15 -22.83
C CYS B 23 9.78 10.93 -21.56
N SER B 24 8.73 11.45 -20.95
CA SER B 24 8.98 12.17 -19.70
C SER B 24 7.83 11.92 -18.74
N ILE B 25 7.29 10.73 -18.78
CA ILE B 25 6.21 10.34 -17.87
C ILE B 25 6.81 9.94 -16.54
N ASP B 26 6.08 10.17 -15.45
CA ASP B 26 6.54 9.78 -14.13
C ASP B 26 5.32 9.22 -13.46
N GLY B 27 5.22 7.92 -13.30
CA GLY B 27 4.00 7.41 -12.67
C GLY B 27 3.63 6.06 -13.25
N ASN B 28 2.38 5.99 -13.72
CA ASN B 28 1.79 4.79 -14.26
C ASN B 28 1.03 5.10 -15.53
N ILE B 29 1.12 4.21 -16.52
CA ILE B 29 0.44 4.42 -17.80
C ILE B 29 -1.05 4.12 -17.63
N CYS B 30 -1.90 5.08 -17.98
CA CYS B 30 -3.32 4.91 -17.77
C CYS B 30 -3.92 3.76 -18.57
N ASP B 31 -3.31 3.42 -19.70
CA ASP B 31 -3.90 2.39 -20.53
C ASP B 31 -3.99 1.10 -19.76
N CYS B 32 -3.13 0.99 -18.74
CA CYS B 32 -3.07 -0.22 -17.93
C CYS B 32 -4.06 -0.30 -16.79
N SER B 33 -4.90 0.71 -16.61
CA SER B 33 -5.88 0.62 -15.56
C SER B 33 -7.26 1.06 -16.01
N GLY B 34 -7.57 0.86 -17.27
CA GLY B 34 -8.91 1.15 -17.74
C GLY B 34 -9.00 2.42 -18.54
N GLY B 35 -7.92 3.17 -18.62
CA GLY B 35 -7.94 4.39 -19.41
C GLY B 35 -7.48 4.05 -20.81
N SER B 36 -6.86 5.00 -21.49
CA SER B 36 -6.32 4.73 -22.81
C SER B 36 -5.09 5.60 -22.92
N LEU B 37 -4.48 5.61 -24.10
CA LEU B 37 -3.26 6.38 -24.25
C LEU B 37 -3.51 7.85 -24.01
N THR B 38 -4.74 8.31 -24.29
CA THR B 38 -5.07 9.72 -24.11
C THR B 38 -6.31 9.98 -23.29
N ASN B 39 -6.90 8.95 -22.66
CA ASN B 39 -8.07 9.23 -21.84
C ASN B 39 -7.91 8.60 -20.48
N CYS B 40 -8.60 9.17 -19.49
CA CYS B 40 -8.59 8.74 -18.10
C CYS B 40 -9.54 7.58 -17.86
N PRO B 41 -9.19 6.73 -16.91
CA PRO B 41 -10.03 5.58 -16.58
C PRO B 41 -11.30 6.05 -15.93
N PRO B 42 -12.33 5.22 -15.99
CA PRO B 42 -13.57 5.61 -15.36
C PRO B 42 -13.40 5.90 -13.88
N GLY B 43 -14.17 6.88 -13.39
CA GLY B 43 -14.17 7.20 -11.98
C GLY B 43 -13.11 8.20 -11.56
N THR B 44 -12.10 8.42 -12.43
CA THR B 44 -11.03 9.38 -12.10
C THR B 44 -11.40 10.77 -12.58
N LYS B 45 -10.57 11.76 -12.25
CA LYS B 45 -10.83 13.15 -12.63
C LYS B 45 -9.65 13.62 -13.45
N LEU B 46 -9.92 14.27 -14.58
CA LEU B 46 -8.89 14.70 -15.53
C LEU B 46 -8.33 16.06 -15.19
N ALA B 47 -7.03 16.15 -14.99
CA ALA B 47 -6.44 17.43 -14.66
C ALA B 47 -6.40 18.35 -15.89
N THR B 48 -6.23 19.65 -15.66
CA THR B 48 -6.05 20.52 -16.82
C THR B 48 -4.58 20.93 -16.99
N ALA B 49 -3.87 21.09 -15.89
CA ALA B 49 -2.47 21.46 -15.97
C ALA B 49 -1.60 20.28 -16.31
N SER B 50 -0.35 20.54 -16.67
CA SER B 50 0.50 19.42 -17.01
C SER B 50 1.94 19.86 -17.06
N VAL B 52 5.33 19.28 -19.71
CA VAL B 52 5.41 18.82 -21.07
C VAL B 52 6.80 18.35 -21.38
N ALA B 53 6.92 17.73 -22.55
CA ALA B 53 8.19 17.27 -23.07
C ALA B 53 8.07 17.14 -24.58
N SER B 54 9.21 17.15 -25.27
CA SER B 54 9.19 16.95 -26.71
C SER B 54 9.73 15.55 -26.94
N CYS B 55 8.87 14.66 -27.43
CA CYS B 55 9.31 13.29 -27.59
C CYS B 55 9.45 12.99 -29.07
N TYR B 56 10.51 12.28 -29.40
CA TYR B 56 10.77 11.86 -30.76
C TYR B 56 9.96 10.64 -31.15
N ASN B 57 9.27 10.72 -32.29
CA ASN B 57 8.50 9.60 -32.80
C ASN B 57 9.34 8.86 -33.82
N PRO B 58 9.80 7.67 -33.48
CA PRO B 58 10.63 6.93 -34.41
C PRO B 58 9.93 6.64 -35.73
N THR B 59 8.63 6.42 -35.68
CA THR B 59 7.94 6.08 -36.89
C THR B 59 8.04 7.10 -38.01
N ASP B 60 7.88 8.36 -37.67
CA ASP B 60 7.94 9.38 -38.70
C ASP B 60 9.16 10.29 -38.57
N GLY B 61 10.00 10.02 -37.58
CA GLY B 61 11.20 10.84 -37.41
C GLY B 61 10.95 12.28 -36.99
N GLN B 62 9.78 12.55 -36.44
CA GLN B 62 9.44 13.88 -35.93
C GLN B 62 9.27 13.88 -34.43
N SER B 63 9.38 15.07 -33.83
CA SER B 63 9.15 15.28 -32.41
C SER B 63 7.82 15.95 -32.20
N TYR B 64 7.14 15.57 -31.14
CA TYR B 64 5.84 16.10 -30.81
C TYR B 64 5.83 16.57 -29.37
N LEU B 65 4.97 17.53 -29.10
CA LEU B 65 4.83 18.07 -27.76
C LEU B 65 3.79 17.23 -27.03
N ILE B 66 4.19 16.55 -25.96
CA ILE B 66 3.30 15.74 -25.16
C ILE B 66 2.99 16.51 -23.88
N ALA B 67 1.72 16.63 -23.53
CA ALA B 67 1.34 17.31 -22.32
C ALA B 67 0.84 16.27 -21.33
N TYR B 68 1.69 15.98 -20.36
CA TYR B 68 1.35 14.96 -19.42
C TYR B 68 0.37 15.44 -18.38
N ARG B 69 -0.87 15.05 -18.55
CA ARG B 69 -1.92 15.37 -17.61
C ARG B 69 -2.17 14.15 -16.71
N ASP B 70 -2.43 14.38 -15.44
CA ASP B 70 -2.73 13.27 -14.57
C ASP B 70 -4.21 12.98 -14.49
N CYS B 71 -4.55 11.73 -14.16
CA CYS B 71 -5.92 11.35 -13.89
C CYS B 71 -5.91 11.19 -12.38
N CYS B 72 -6.78 11.88 -11.65
CA CYS B 72 -6.62 11.96 -10.22
C CYS B 72 -7.84 11.54 -9.44
N GLY B 73 -7.73 11.57 -8.13
CA GLY B 73 -8.88 11.21 -7.31
C GLY B 73 -9.00 9.72 -7.01
N TYR B 74 -7.89 9.02 -7.17
CA TYR B 74 -7.79 7.59 -6.94
C TYR B 74 -6.40 7.29 -6.46
N ASN B 75 -6.24 6.19 -5.76
CA ASN B 75 -4.93 5.78 -5.30
C ASN B 75 -4.17 5.32 -6.55
N VAL B 76 -2.84 5.33 -6.48
CA VAL B 76 -1.98 4.94 -7.59
C VAL B 76 -2.32 3.57 -8.15
N SER B 77 -2.38 3.39 -9.48
CA SER B 77 -2.87 2.13 -10.03
C SER B 77 -2.01 0.94 -9.67
N GLY B 78 -0.70 1.21 -9.68
CA GLY B 78 0.30 0.21 -9.39
C GLY B 78 0.58 -0.66 -10.60
N ARG B 79 -0.05 -0.38 -11.73
CA ARG B 79 0.21 -1.16 -12.93
C ARG B 79 1.02 -0.34 -13.93
N CYS B 80 1.95 -0.97 -14.65
CA CYS B 80 2.75 -0.26 -15.66
C CYS B 80 3.42 1.01 -15.17
N PRO B 81 4.19 0.90 -14.12
CA PRO B 81 4.91 2.04 -13.63
C PRO B 81 6.08 2.38 -14.56
N CYS B 82 6.43 3.67 -14.67
CA CYS B 82 7.51 4.11 -15.56
C CYS B 82 8.01 5.46 -15.06
N LEU B 83 9.28 5.75 -15.30
CA LEU B 83 9.86 7.04 -14.94
C LEU B 83 10.89 7.35 -15.99
N ASN B 84 10.60 8.29 -16.88
CA ASN B 84 11.55 8.71 -17.90
C ASN B 84 11.70 10.20 -17.73
N THR B 85 12.81 10.75 -18.16
CA THR B 85 13.02 12.16 -17.92
C THR B 85 13.67 12.86 -19.10
N GLU B 86 13.20 12.62 -20.32
CA GLU B 86 13.85 13.29 -21.45
C GLU B 86 13.57 14.79 -21.41
N GLY B 87 14.61 15.58 -21.21
CA GLY B 87 14.45 17.03 -21.19
C GLY B 87 13.86 17.54 -19.89
N GLU B 88 13.77 16.68 -18.88
CA GLU B 88 13.19 17.07 -17.59
C GLU B 88 14.11 17.97 -16.77
N LEU B 89 13.56 19.10 -16.36
CA LEU B 89 14.26 20.12 -15.57
C LEU B 89 13.83 20.16 -14.11
N PRO B 90 14.61 20.85 -13.30
CA PRO B 90 14.36 20.94 -11.88
C PRO B 90 13.07 21.66 -11.58
N VAL B 91 12.66 21.56 -10.33
CA VAL B 91 11.37 22.04 -9.91
C VAL B 91 11.19 23.53 -10.17
N TYR B 92 12.26 24.30 -10.20
CA TYR B 92 12.16 25.73 -10.46
C TYR B 92 11.82 26.11 -11.90
N ARG B 93 11.71 25.12 -12.78
CA ARG B 93 11.29 25.25 -14.17
C ARG B 93 10.13 24.27 -14.30
N PRO B 94 9.12 24.53 -13.49
CA PRO B 94 8.03 23.60 -13.30
C PRO B 94 7.36 23.08 -14.53
N GLU B 95 7.27 23.88 -15.58
CA GLU B 95 6.55 23.41 -16.75
C GLU B 95 7.15 22.17 -17.35
N PHE B 96 8.41 21.93 -16.99
CA PHE B 96 9.17 20.82 -17.52
C PHE B 96 9.55 19.78 -16.47
N ALA B 97 9.02 19.93 -15.24
CA ALA B 97 9.34 19.11 -14.07
C ALA B 97 8.36 17.96 -13.85
N ASN B 98 8.85 16.73 -13.61
CA ASN B 98 7.92 15.62 -13.50
C ASN B 98 7.66 14.95 -12.18
N ASP B 99 8.20 15.47 -11.08
CA ASP B 99 7.90 14.93 -9.76
C ASP B 99 6.62 15.55 -9.21
N ILE B 100 6.23 16.69 -9.80
CA ILE B 100 5.06 17.41 -9.35
C ILE B 100 3.80 16.63 -9.68
N ILE B 101 2.79 16.57 -8.77
CA ILE B 101 1.55 15.87 -9.12
C ILE B 101 0.76 16.84 -10.00
N TRP B 102 0.65 16.57 -11.29
CA TRP B 102 -0.05 17.48 -12.20
C TRP B 102 -1.56 17.25 -12.20
N CYS B 103 -2.20 17.54 -11.07
CA CYS B 103 -3.64 17.31 -10.91
C CYS B 103 -4.45 18.61 -10.90
N PHE B 104 -3.78 19.76 -10.92
CA PHE B 104 -4.49 21.03 -10.86
C PHE B 104 -5.57 21.11 -11.93
N GLY B 105 -6.71 21.67 -11.55
CA GLY B 105 -7.82 21.80 -12.48
C GLY B 105 -8.75 20.58 -12.52
N ALA B 106 -8.44 19.50 -11.83
CA ALA B 106 -9.32 18.34 -11.89
C ALA B 106 -10.61 18.62 -11.14
N GLU B 107 -11.71 18.04 -11.58
CA GLU B 107 -12.96 18.26 -10.89
C GLU B 107 -12.92 17.82 -9.44
N ASP B 108 -13.81 18.37 -8.63
CA ASP B 108 -13.91 17.92 -7.26
C ASP B 108 -12.61 18.15 -6.49
N ASP B 109 -11.75 18.98 -7.07
CA ASP B 109 -10.48 19.25 -6.41
C ASP B 109 -9.62 18.00 -6.20
N ALA B 110 -9.83 16.99 -7.03
CA ALA B 110 -9.07 15.75 -6.87
C ALA B 110 -7.59 16.04 -6.96
N MET B 111 -6.79 15.48 -6.05
CA MET B 111 -5.35 15.73 -6.06
C MET B 111 -4.48 14.50 -5.81
N THR B 112 -5.12 13.34 -5.70
CA THR B 112 -4.33 12.14 -5.52
C THR B 112 -4.00 11.63 -6.90
N TYR B 113 -2.87 10.95 -7.01
CA TYR B 113 -2.37 10.47 -8.27
C TYR B 113 -2.78 9.04 -8.62
N HIS B 114 -3.38 8.82 -9.80
CA HIS B 114 -3.77 7.49 -10.25
C HIS B 114 -2.90 7.02 -11.39
N CYS B 115 -2.86 7.80 -12.47
CA CYS B 115 -2.05 7.45 -13.61
C CYS B 115 -1.87 8.68 -14.49
N THR B 116 -1.07 8.62 -15.55
CA THR B 116 -0.86 9.77 -16.41
C THR B 116 -1.15 9.44 -17.85
N ILE B 117 -1.74 10.39 -18.60
CA ILE B 117 -1.99 10.13 -20.01
C ILE B 117 -0.92 10.81 -20.88
N SER B 118 -0.79 10.45 -22.16
CA SER B 118 0.24 11.05 -23.00
C SER B 118 -0.35 11.65 -24.29
N PRO B 119 -1.18 12.67 -24.17
CA PRO B 119 -1.77 13.25 -25.38
C PRO B 119 -0.80 14.14 -26.13
N ILE B 120 -0.89 14.16 -27.47
CA ILE B 120 -0.07 15.07 -28.27
C ILE B 120 -0.76 16.42 -28.32
N VAL B 121 0.00 17.49 -28.14
CA VAL B 121 -0.61 18.79 -28.18
C VAL B 121 -0.14 19.66 -29.34
N GLY B 122 0.90 19.21 -30.02
CA GLY B 122 1.46 19.92 -31.16
C GLY B 122 2.80 19.35 -31.59
N LYS B 123 3.40 20.01 -32.58
CA LYS B 123 4.71 19.60 -33.03
C LYS B 123 5.84 20.30 -32.29
N ALA B 124 7.01 19.68 -32.39
CA ALA B 124 8.24 20.16 -31.81
C ALA B 124 9.37 19.99 -32.81
N SER B 125 10.28 20.96 -32.69
CA SER B 125 11.48 21.22 -33.46
C SER B 125 11.62 22.73 -33.52
N ASP C 1 -5.37 15.45 -29.99
CA ASP C 1 -5.89 14.60 -28.93
C ASP C 1 -6.75 15.38 -27.94
N GLU C 2 -7.98 14.89 -27.75
CA GLU C 2 -8.96 15.53 -26.89
C GLU C 2 -9.33 14.64 -25.69
N PRO C 3 -8.53 14.71 -24.64
CA PRO C 3 -8.71 13.82 -23.52
C PRO C 3 -10.05 13.91 -22.82
N ARG C 4 -10.52 12.73 -22.45
CA ARG C 4 -11.70 12.75 -21.64
C ARG C 4 -11.69 11.57 -20.70
N ILE C 5 -12.77 11.42 -19.95
CA ILE C 5 -12.89 10.32 -19.02
C ILE C 5 -13.73 9.23 -19.65
N LEU C 6 -13.18 8.03 -19.73
CA LEU C 6 -13.90 6.90 -20.31
C LEU C 6 -14.97 6.33 -19.37
N GLU C 7 -15.90 5.59 -19.96
CA GLU C 7 -16.93 4.79 -19.29
C GLU C 7 -16.56 3.36 -19.54
N ALA C 8 -16.80 2.50 -18.56
CA ALA C 8 -16.42 1.12 -18.76
C ALA C 8 -17.44 0.50 -19.67
N PRO C 9 -17.08 -0.59 -20.31
CA PRO C 9 -18.05 -1.27 -21.13
C PRO C 9 -19.19 -1.75 -20.24
N ALA C 10 -20.37 -1.94 -20.81
CA ALA C 10 -21.49 -2.44 -20.03
C ALA C 10 -21.17 -3.79 -19.39
N PRO C 11 -21.70 -4.01 -18.21
CA PRO C 11 -21.43 -5.25 -17.52
C PRO C 11 -21.98 -6.42 -18.30
N ASP C 12 -21.21 -7.51 -18.33
CA ASP C 12 -21.62 -8.72 -19.03
C ASP C 12 -21.16 -9.94 -18.26
N ALA C 13 -21.48 -11.13 -18.74
CA ALA C 13 -21.12 -12.34 -18.02
C ALA C 13 -19.64 -12.55 -17.81
N ARG C 14 -18.84 -11.97 -18.69
CA ARG C 14 -17.40 -12.16 -18.69
C ARG C 14 -16.65 -11.16 -17.83
N ARG C 15 -17.36 -10.26 -17.19
CA ARG C 15 -16.67 -9.29 -16.36
C ARG C 15 -16.32 -9.99 -15.06
N VAL C 16 -15.16 -9.68 -14.48
CA VAL C 16 -14.80 -10.35 -13.24
C VAL C 16 -14.16 -9.34 -12.36
N TYR C 17 -14.41 -9.45 -11.07
CA TYR C 17 -13.85 -8.52 -10.11
C TYR C 17 -12.84 -9.21 -9.23
N VAL C 18 -11.67 -8.60 -9.07
CA VAL C 18 -10.65 -9.14 -8.20
C VAL C 18 -10.43 -8.18 -7.04
N ASN C 19 -10.56 -8.64 -5.79
CA ASN C 19 -10.29 -7.80 -4.64
C ASN C 19 -8.91 -8.07 -4.06
N ASP C 20 -8.17 -7.02 -3.70
CA ASP C 20 -6.86 -7.14 -3.09
C ASP C 20 -6.88 -6.69 -1.65
N PRO C 21 -6.97 -7.59 -0.66
CA PRO C 21 -6.95 -7.16 0.71
C PRO C 21 -5.58 -6.67 1.14
N ALA C 22 -4.60 -6.80 0.25
CA ALA C 22 -3.24 -6.33 0.45
C ALA C 22 -2.62 -6.76 1.76
N HIS C 23 -2.80 -8.01 2.16
CA HIS C 23 -2.12 -8.46 3.37
C HIS C 23 -2.45 -7.64 4.60
N PHE C 24 -3.72 -7.25 4.76
CA PHE C 24 -4.20 -6.49 5.91
C PHE C 24 -3.81 -5.01 5.92
N ALA C 25 -3.42 -4.45 4.79
CA ALA C 25 -3.08 -3.04 4.75
C ALA C 25 -4.32 -2.20 5.01
N ALA C 26 -4.10 -0.97 5.50
CA ALA C 26 -5.18 -0.04 5.82
C ALA C 26 -6.02 0.41 4.65
N VAL C 27 -5.47 0.36 3.43
CA VAL C 27 -6.23 0.72 2.24
C VAL C 27 -6.08 -0.37 1.20
N THR C 28 -7.14 -0.60 0.42
CA THR C 28 -7.11 -1.68 -0.54
C THR C 28 -7.65 -1.28 -1.91
N GLN C 29 -7.65 -2.23 -2.85
CA GLN C 29 -8.12 -1.94 -4.21
C GLN C 29 -8.91 -3.10 -4.78
N GLN C 30 -9.79 -2.79 -5.71
CA GLN C 30 -10.56 -3.79 -6.42
C GLN C 30 -10.31 -3.55 -7.89
N PHE C 31 -10.07 -4.61 -8.64
CA PHE C 31 -9.83 -4.48 -10.08
C PHE C 31 -11.03 -5.01 -10.83
N VAL C 32 -11.52 -4.26 -11.82
CA VAL C 32 -12.65 -4.69 -12.63
C VAL C 32 -12.04 -5.18 -13.90
N ILE C 33 -12.26 -6.43 -14.32
CA ILE C 33 -11.54 -6.94 -15.48
C ILE C 33 -12.48 -7.51 -16.51
N ASP C 34 -12.16 -7.33 -17.78
CA ASP C 34 -12.95 -7.97 -18.85
C ASP C 34 -12.32 -9.33 -19.05
N GLY C 35 -12.98 -10.42 -18.65
CA GLY C 35 -12.35 -11.71 -18.77
C GLY C 35 -12.11 -12.20 -20.20
N GLU C 36 -12.85 -11.67 -21.14
CA GLU C 36 -12.71 -12.14 -22.50
C GLU C 36 -11.46 -11.57 -23.11
N ALA C 37 -11.25 -10.30 -22.82
CA ALA C 37 -10.08 -9.58 -23.31
C ALA C 37 -8.85 -9.71 -22.43
N GLY C 38 -9.03 -10.00 -21.14
CA GLY C 38 -7.88 -10.12 -20.26
C GLY C 38 -7.34 -8.72 -20.07
N ARG C 39 -8.26 -7.79 -19.89
CA ARG C 39 -7.92 -6.38 -19.74
C ARG C 39 -8.54 -5.72 -18.52
N VAL C 40 -7.79 -4.92 -17.77
CA VAL C 40 -8.35 -4.18 -16.67
C VAL C 40 -9.19 -3.06 -17.24
N ILE C 41 -10.46 -2.98 -16.86
CA ILE C 41 -11.38 -1.99 -17.37
C ILE C 41 -11.70 -0.89 -16.37
N GLY C 42 -11.24 -1.06 -15.12
CA GLY C 42 -11.50 -0.07 -14.09
C GLY C 42 -11.02 -0.56 -12.72
N MET C 43 -11.07 0.33 -11.74
CA MET C 43 -10.66 0.02 -10.38
C MET C 43 -11.56 0.73 -9.43
N ILE C 44 -11.52 0.32 -8.16
CA ILE C 44 -12.29 0.95 -7.11
C ILE C 44 -11.44 0.95 -5.87
N ASP C 45 -11.41 2.05 -5.14
CA ASP C 45 -10.61 2.09 -3.93
C ASP C 45 -11.39 1.68 -2.70
N GLY C 46 -10.76 0.98 -1.77
CA GLY C 46 -11.49 0.67 -0.56
C GLY C 46 -10.66 0.87 0.69
N GLY C 47 -11.27 0.65 1.85
CA GLY C 47 -10.56 0.83 3.10
C GLY C 47 -9.95 -0.47 3.64
N PHE C 48 -10.08 -0.65 4.95
CA PHE C 48 -9.55 -1.80 5.65
C PHE C 48 -10.45 -3.03 5.52
N LEU C 49 -9.92 -4.10 4.91
CA LEU C 49 -10.63 -5.36 4.79
C LEU C 49 -12.07 -5.18 4.35
N PRO C 50 -12.30 -4.55 3.22
CA PRO C 50 -13.69 -4.35 2.85
C PRO C 50 -14.33 -5.60 2.31
N ASN C 51 -15.67 -5.62 2.27
CA ASN C 51 -16.42 -6.73 1.71
C ASN C 51 -17.13 -6.30 0.45
N PRO C 52 -16.83 -6.94 -0.67
CA PRO C 52 -17.45 -6.57 -1.93
C PRO C 52 -18.70 -7.38 -2.23
N VAL C 53 -19.66 -6.74 -2.92
CA VAL C 53 -20.85 -7.44 -3.37
C VAL C 53 -21.12 -6.97 -4.78
N VAL C 54 -21.72 -7.82 -5.58
CA VAL C 54 -22.02 -7.43 -6.94
C VAL C 54 -23.43 -7.91 -7.22
N ALA C 55 -24.33 -7.03 -7.69
CA ALA C 55 -25.68 -7.46 -7.99
C ALA C 55 -25.64 -8.44 -9.16
N ASP C 56 -26.36 -9.55 -9.07
CA ASP C 56 -26.36 -10.50 -10.19
C ASP C 56 -26.93 -9.91 -11.47
N ASP C 57 -27.82 -8.94 -11.36
CA ASP C 57 -28.41 -8.39 -12.57
C ASP C 57 -27.52 -7.37 -13.26
N GLY C 58 -26.38 -7.08 -12.63
CA GLY C 58 -25.41 -6.14 -13.15
C GLY C 58 -25.79 -4.68 -12.99
N SER C 59 -26.78 -4.40 -12.16
CA SER C 59 -27.20 -3.02 -12.01
C SER C 59 -26.31 -2.13 -11.15
N PHE C 60 -25.55 -2.75 -10.26
CA PHE C 60 -24.67 -1.96 -9.41
C PHE C 60 -23.64 -2.84 -8.72
N ILE C 61 -22.65 -2.23 -8.09
CA ILE C 61 -21.70 -2.99 -7.28
C ILE C 61 -21.58 -2.22 -5.99
N ALA C 62 -21.17 -2.89 -4.92
CA ALA C 62 -21.11 -2.13 -3.68
C ALA C 62 -20.06 -2.73 -2.78
N HIS C 63 -19.76 -2.03 -1.70
CA HIS C 63 -18.90 -2.62 -0.69
C HIS C 63 -19.12 -2.03 0.69
N ALA C 64 -18.83 -2.84 1.72
CA ALA C 64 -18.85 -2.36 3.09
C ALA C 64 -17.40 -2.12 3.43
N SER C 65 -17.06 -0.92 3.90
CA SER C 65 -15.68 -0.63 4.08
C SER C 65 -15.42 0.14 5.37
N THR C 66 -14.14 0.40 5.67
CA THR C 66 -13.80 1.04 6.92
C THR C 66 -12.63 1.98 6.73
N VAL C 67 -12.73 3.22 7.25
CA VAL C 67 -11.63 4.18 7.15
C VAL C 67 -11.36 4.78 8.51
N PHE C 68 -10.20 5.38 8.68
CA PHE C 68 -9.86 5.98 9.96
C PHE C 68 -9.45 7.41 9.70
N SER C 69 -9.58 8.26 10.67
CA SER C 69 -9.24 9.64 10.38
C SER C 69 -7.77 9.96 10.24
N ARG C 70 -6.89 9.11 10.77
CA ARG C 70 -5.46 9.31 10.62
C ARG C 70 -4.81 8.04 10.12
N ILE C 71 -5.17 7.66 8.90
CA ILE C 71 -4.70 6.45 8.24
C ILE C 71 -5.16 5.14 8.85
N ALA C 72 -4.64 4.86 10.03
CA ALA C 72 -4.91 3.59 10.69
C ALA C 72 -5.26 3.72 12.15
N ARG C 73 -5.53 4.95 12.57
CA ARG C 73 -5.91 5.24 13.94
C ARG C 73 -6.78 6.47 13.91
N GLY C 74 -7.21 6.90 15.08
CA GLY C 74 -8.10 8.05 15.07
C GLY C 74 -9.52 7.52 15.02
N GLU C 75 -10.45 8.31 14.56
CA GLU C 75 -11.83 7.89 14.53
C GLU C 75 -12.12 6.97 13.37
N ARG C 76 -12.85 5.89 13.66
CA ARG C 76 -13.25 4.89 12.70
C ARG C 76 -14.59 5.20 12.07
N THR C 77 -14.74 4.99 10.76
CA THR C 77 -16.06 5.13 10.16
C THR C 77 -16.30 3.92 9.29
N ASP C 78 -17.37 3.18 9.55
CA ASP C 78 -17.69 2.06 8.69
C ASP C 78 -18.78 2.59 7.77
N TYR C 79 -18.80 2.18 6.51
CA TYR C 79 -19.80 2.75 5.61
C TYR C 79 -20.02 1.81 4.45
N VAL C 80 -21.15 1.96 3.76
CA VAL C 80 -21.42 1.17 2.57
C VAL C 80 -21.40 2.16 1.42
N GLU C 81 -20.76 1.83 0.31
CA GLU C 81 -20.76 2.66 -0.87
C GLU C 81 -21.29 1.86 -2.03
N VAL C 82 -22.13 2.46 -2.86
CA VAL C 82 -22.69 1.76 -4.01
C VAL C 82 -22.14 2.47 -5.22
N PHE C 83 -21.83 1.74 -6.28
CA PHE C 83 -21.25 2.43 -7.42
C PHE C 83 -21.99 2.06 -8.68
N ASP C 84 -21.95 2.95 -9.66
CA ASP C 84 -22.55 2.68 -10.96
C ASP C 84 -21.53 1.83 -11.69
N PRO C 85 -21.95 0.74 -12.30
CA PRO C 85 -20.97 -0.14 -12.88
C PRO C 85 -20.33 0.28 -14.17
N VAL C 86 -20.82 1.39 -14.73
CA VAL C 86 -20.20 1.82 -15.97
C VAL C 86 -19.35 3.07 -15.76
N THR C 87 -19.85 4.01 -14.96
CA THR C 87 -19.06 5.20 -14.68
C THR C 87 -18.14 5.02 -13.48
N LEU C 88 -18.43 4.03 -12.64
CA LEU C 88 -17.69 3.74 -11.41
C LEU C 88 -17.76 4.83 -10.36
N LEU C 89 -18.73 5.72 -10.51
CA LEU C 89 -18.91 6.77 -9.53
C LEU C 89 -19.82 6.27 -8.41
N PRO C 90 -19.58 6.76 -7.21
CA PRO C 90 -20.39 6.35 -6.10
C PRO C 90 -21.78 6.93 -6.23
N THR C 91 -22.81 6.14 -6.02
CA THR C 91 -24.16 6.65 -6.07
C THR C 91 -24.78 6.71 -4.70
N ALA C 92 -24.11 6.15 -3.68
CA ALA C 92 -24.62 6.23 -2.33
C ALA C 92 -23.46 5.98 -1.41
N ASP C 93 -23.47 6.63 -0.27
CA ASP C 93 -22.44 6.46 0.74
C ASP C 93 -23.19 6.48 2.06
N ILE C 94 -23.37 5.32 2.67
CA ILE C 94 -24.19 5.16 3.87
C ILE C 94 -23.39 4.77 5.09
N GLU C 95 -23.37 5.65 6.07
CA GLU C 95 -22.58 5.38 7.24
C GLU C 95 -23.21 4.33 8.13
N LEU C 96 -22.41 3.43 8.72
CA LEU C 96 -22.95 2.41 9.60
C LEU C 96 -22.64 2.83 11.02
N PRO C 97 -23.63 3.20 11.81
CA PRO C 97 -23.31 3.67 13.14
C PRO C 97 -22.59 2.66 13.99
N ASP C 98 -21.74 3.23 14.82
CA ASP C 98 -21.03 2.47 15.81
C ASP C 98 -20.04 1.43 15.33
N ALA C 99 -19.42 1.61 14.16
CA ALA C 99 -18.37 0.68 13.75
C ALA C 99 -18.68 -0.80 13.97
N PRO C 100 -19.73 -1.30 13.38
CA PRO C 100 -20.16 -2.67 13.63
C PRO C 100 -19.51 -3.72 12.76
N ARG C 101 -18.80 -3.35 11.71
CA ARG C 101 -18.28 -4.39 10.82
C ARG C 101 -17.37 -5.42 11.47
N PHE C 102 -17.37 -6.65 10.98
CA PHE C 102 -16.45 -7.68 11.44
C PHE C 102 -15.16 -7.58 10.64
N LEU C 103 -14.02 -7.29 11.27
CA LEU C 103 -12.76 -7.19 10.50
C LEU C 103 -12.07 -8.54 10.54
N VAL C 104 -12.04 -9.21 9.39
CA VAL C 104 -11.48 -10.53 9.23
C VAL C 104 -11.03 -10.68 7.78
N GLY C 105 -10.08 -11.58 7.49
CA GLY C 105 -9.65 -11.83 6.13
C GLY C 105 -10.92 -12.04 5.34
N THR C 106 -10.95 -11.60 4.09
CA THR C 106 -12.18 -11.51 3.37
C THR C 106 -12.91 -12.80 3.04
N TYR C 107 -14.11 -12.97 3.62
CA TYR C 107 -15.04 -14.08 3.36
C TYR C 107 -16.19 -13.50 2.58
N PRO C 108 -16.40 -13.89 1.35
CA PRO C 108 -17.47 -13.27 0.61
C PRO C 108 -18.85 -13.30 1.25
N TRP C 109 -19.21 -14.40 1.91
CA TRP C 109 -20.55 -14.54 2.49
C TRP C 109 -20.72 -13.90 3.86
N MET C 110 -19.83 -12.97 4.22
CA MET C 110 -19.97 -12.21 5.45
C MET C 110 -20.67 -10.88 5.20
N THR C 111 -21.00 -10.59 3.94
CA THR C 111 -21.75 -9.39 3.54
C THR C 111 -22.50 -9.80 2.29
N SER C 112 -23.83 -9.60 2.21
CA SER C 112 -24.55 -10.18 1.08
C SER C 112 -25.75 -9.39 0.68
N LEU C 113 -26.17 -9.55 -0.55
CA LEU C 113 -27.34 -8.83 -0.97
C LEU C 113 -28.54 -9.72 -0.95
N THR C 114 -29.74 -9.15 -0.77
CA THR C 114 -30.92 -9.97 -0.89
C THR C 114 -31.19 -10.11 -2.37
N PRO C 115 -31.95 -11.13 -2.77
CA PRO C 115 -32.20 -11.41 -4.17
C PRO C 115 -32.83 -10.27 -4.96
N ASP C 116 -33.51 -9.38 -4.27
CA ASP C 116 -34.13 -8.27 -4.98
C ASP C 116 -33.19 -7.10 -5.19
N GLY C 117 -31.97 -7.19 -4.67
CA GLY C 117 -30.99 -6.12 -4.77
C GLY C 117 -31.30 -4.88 -3.95
N LYS C 118 -32.29 -4.95 -3.07
CA LYS C 118 -32.61 -3.75 -2.28
C LYS C 118 -32.01 -3.67 -0.89
N THR C 119 -31.58 -4.80 -0.34
CA THR C 119 -31.06 -4.83 1.01
C THR C 119 -29.70 -5.49 1.09
N LEU C 120 -28.80 -4.88 1.85
CA LEU C 120 -27.47 -5.43 2.09
C LEU C 120 -27.40 -5.85 3.55
N LEU C 121 -26.94 -7.07 3.81
CA LEU C 121 -26.82 -7.56 5.16
C LEU C 121 -25.33 -7.76 5.47
N PHE C 122 -24.87 -7.40 6.65
CA PHE C 122 -23.46 -7.64 6.96
C PHE C 122 -23.36 -8.17 8.36
N TYR C 123 -22.28 -8.90 8.64
CA TYR C 123 -22.11 -9.55 9.92
C TYR C 123 -21.30 -8.74 10.92
N GLN C 124 -21.67 -8.85 12.19
CA GLN C 124 -20.92 -8.25 13.27
C GLN C 124 -20.58 -9.40 14.20
N PHE C 125 -19.34 -9.50 14.62
CA PHE C 125 -18.97 -10.62 15.46
C PHE C 125 -18.90 -10.28 16.93
N SER C 126 -18.40 -9.10 17.23
CA SER C 126 -18.17 -8.73 18.63
C SER C 126 -18.86 -7.40 18.89
N PRO C 127 -19.36 -7.13 20.08
CA PRO C 127 -19.36 -7.88 21.33
C PRO C 127 -20.11 -9.18 21.23
N ALA C 128 -21.06 -9.24 20.30
CA ALA C 128 -21.80 -10.47 20.10
C ALA C 128 -22.35 -10.55 18.68
N PRO C 129 -22.59 -11.75 18.21
CA PRO C 129 -23.04 -11.91 16.83
C PRO C 129 -24.32 -11.18 16.50
N ALA C 130 -24.30 -10.49 15.36
CA ALA C 130 -25.48 -9.76 14.95
C ALA C 130 -25.40 -9.55 13.46
N VAL C 131 -26.53 -9.22 12.83
CA VAL C 131 -26.54 -8.98 11.40
C VAL C 131 -27.12 -7.61 11.15
N GLY C 132 -26.40 -6.72 10.44
CA GLY C 132 -26.91 -5.38 10.21
C GLY C 132 -27.70 -5.34 8.92
N VAL C 133 -28.75 -4.52 8.90
CA VAL C 133 -29.63 -4.42 7.76
C VAL C 133 -29.49 -3.02 7.14
N VAL C 134 -29.07 -2.97 5.87
CA VAL C 134 -28.88 -1.71 5.16
C VAL C 134 -29.89 -1.54 4.04
N ASP C 135 -30.67 -0.47 4.02
CA ASP C 135 -31.63 -0.32 2.93
C ASP C 135 -30.97 0.41 1.78
N LEU C 136 -30.61 -0.31 0.72
CA LEU C 136 -29.89 0.35 -0.35
C LEU C 136 -30.78 1.26 -1.14
N GLU C 137 -32.04 0.88 -1.23
CA GLU C 137 -32.93 1.71 -2.01
C GLU C 137 -33.24 3.02 -1.30
N GLY C 138 -33.44 2.98 0.00
CA GLY C 138 -33.65 4.24 0.69
C GLY C 138 -32.36 4.92 1.16
N LYS C 139 -31.20 4.27 1.01
CA LYS C 139 -29.95 4.88 1.44
C LYS C 139 -29.79 5.10 2.92
N ALA C 140 -30.11 4.09 3.71
CA ALA C 140 -29.95 4.23 5.13
C ALA C 140 -29.79 2.89 5.82
N PHE C 141 -29.10 2.94 6.93
CA PHE C 141 -28.92 1.79 7.77
C PHE C 141 -30.25 1.62 8.48
N LYS C 142 -30.75 0.39 8.66
CA LYS C 142 -32.02 0.26 9.37
C LYS C 142 -31.80 -0.22 10.77
N ARG C 143 -31.20 -1.39 10.94
CA ARG C 143 -30.98 -1.87 12.29
C ARG C 143 -30.14 -3.12 12.36
N MET C 144 -29.80 -3.48 13.58
CA MET C 144 -29.06 -4.70 13.82
C MET C 144 -30.00 -5.80 14.28
N LEU C 145 -29.83 -7.02 13.79
CA LEU C 145 -30.61 -8.18 14.24
C LEU C 145 -29.76 -9.05 15.17
N ASP C 146 -30.22 -9.38 16.39
CA ASP C 146 -29.41 -10.27 17.20
C ASP C 146 -29.62 -11.68 16.69
N VAL C 147 -28.55 -12.46 16.65
CA VAL C 147 -28.63 -13.83 16.17
C VAL C 147 -27.83 -14.70 17.11
N PRO C 148 -28.04 -15.99 17.03
CA PRO C 148 -27.33 -16.86 17.93
C PRO C 148 -25.88 -17.01 17.48
N ASP C 149 -25.16 -17.95 18.05
CA ASP C 149 -23.76 -18.19 17.72
C ASP C 149 -23.59 -18.80 16.33
N CYS C 150 -23.93 -18.02 15.29
CA CYS C 150 -23.93 -18.45 13.90
C CYS C 150 -23.10 -17.48 13.05
N TYR C 151 -22.70 -17.93 11.86
CA TYR C 151 -21.76 -17.24 10.98
C TYR C 151 -22.14 -17.39 9.53
N HIS C 152 -21.81 -16.40 8.70
CA HIS C 152 -22.07 -16.34 7.29
C HIS C 152 -23.49 -15.93 7.04
N ILE C 153 -23.80 -15.43 5.86
CA ILE C 153 -25.17 -14.97 5.66
C ILE C 153 -25.61 -15.34 4.29
N PHE C 154 -26.59 -16.23 4.15
CA PHE C 154 -27.00 -16.62 2.81
C PHE C 154 -28.43 -16.20 2.58
N PRO C 155 -28.68 -15.13 1.84
CA PRO C 155 -30.04 -14.65 1.71
C PRO C 155 -30.85 -15.44 0.71
N THR C 156 -32.10 -15.73 1.10
CA THR C 156 -32.98 -16.51 0.22
C THR C 156 -34.18 -15.74 -0.28
N ALA C 157 -34.41 -14.59 0.30
CA ALA C 157 -35.56 -13.80 -0.05
C ALA C 157 -35.35 -12.41 0.50
N PRO C 158 -36.31 -11.51 0.30
CA PRO C 158 -36.11 -10.16 0.77
C PRO C 158 -36.07 -10.00 2.26
N ASP C 159 -36.61 -10.98 2.96
CA ASP C 159 -36.62 -10.88 4.40
C ASP C 159 -36.17 -12.17 5.08
N THR C 160 -35.36 -12.99 4.41
CA THR C 160 -34.95 -14.23 5.05
C THR C 160 -33.54 -14.59 4.61
N PHE C 161 -32.77 -15.14 5.54
CA PHE C 161 -31.42 -15.58 5.22
C PHE C 161 -31.05 -16.69 6.14
N PHE C 162 -30.08 -17.50 5.72
CA PHE C 162 -29.60 -18.58 6.55
C PHE C 162 -28.22 -18.28 7.07
N MET C 163 -27.84 -18.91 8.19
CA MET C 163 -26.50 -18.77 8.75
C MET C 163 -26.07 -20.17 9.16
N HIS C 164 -24.76 -20.43 9.34
CA HIS C 164 -24.28 -21.71 9.80
C HIS C 164 -23.90 -21.58 11.26
N CYS C 165 -24.46 -22.41 12.15
CA CYS C 165 -24.20 -22.24 13.58
C CYS C 165 -23.10 -23.07 14.19
N ARG C 166 -22.52 -22.67 15.30
CA ARG C 166 -21.46 -23.45 15.92
C ARG C 166 -21.90 -24.86 16.22
N ASP C 167 -23.19 -25.09 16.48
CA ASP C 167 -23.66 -26.44 16.80
C ASP C 167 -23.75 -27.40 15.62
N GLY C 168 -23.55 -26.91 14.42
CA GLY C 168 -23.63 -27.81 13.28
C GLY C 168 -24.94 -27.71 12.55
N SER C 169 -25.80 -26.83 13.02
CA SER C 169 -27.07 -26.63 12.35
C SER C 169 -27.02 -25.37 11.50
N LEU C 170 -28.03 -25.17 10.67
CA LEU C 170 -28.17 -23.91 9.97
C LEU C 170 -29.26 -23.17 10.71
N ALA C 171 -29.21 -21.84 10.77
CA ALA C 171 -30.33 -21.13 11.36
C ALA C 171 -31.02 -20.33 10.29
N LYS C 172 -32.34 -20.33 10.32
CA LYS C 172 -33.12 -19.53 9.38
C LYS C 172 -33.60 -18.28 10.10
N VAL C 173 -33.25 -17.09 9.56
CA VAL C 173 -33.62 -15.84 10.19
C VAL C 173 -34.60 -15.08 9.34
N ALA C 174 -35.83 -14.95 9.82
CA ALA C 174 -36.83 -14.24 9.07
C ALA C 174 -37.03 -12.94 9.78
N PHE C 175 -36.92 -11.85 9.04
CA PHE C 175 -37.02 -10.60 9.72
C PHE C 175 -37.94 -9.70 8.92
N GLY C 176 -38.08 -8.48 9.35
CA GLY C 176 -38.99 -7.67 8.59
C GLY C 176 -40.40 -8.10 8.93
N THR C 177 -40.55 -8.01 10.22
CA THR C 177 -41.64 -8.20 11.14
C THR C 177 -40.81 -7.64 12.25
N GLU C 178 -40.73 -6.31 12.18
CA GLU C 178 -39.84 -5.57 13.03
C GLU C 178 -39.86 -6.05 14.45
N GLY C 179 -38.89 -5.56 15.18
CA GLY C 179 -38.80 -5.94 16.56
C GLY C 179 -37.80 -7.05 16.73
N THR C 180 -38.24 -8.28 16.58
CA THR C 180 -37.32 -9.38 16.73
C THR C 180 -37.57 -10.37 15.64
N PRO C 181 -36.47 -10.89 15.14
CA PRO C 181 -36.54 -11.85 14.07
C PRO C 181 -37.04 -13.19 14.54
N GLU C 182 -37.57 -13.92 13.57
CA GLU C 182 -38.02 -15.28 13.76
C GLU C 182 -36.81 -16.12 13.42
N ILE C 183 -36.31 -16.85 14.39
CA ILE C 183 -35.13 -17.68 14.16
C ILE C 183 -35.48 -19.13 14.34
N THR C 184 -35.22 -19.92 13.32
CA THR C 184 -35.45 -21.35 13.37
C THR C 184 -34.18 -22.12 13.04
N HIS C 185 -33.95 -23.28 13.65
CA HIS C 185 -32.77 -24.06 13.29
C HIS C 185 -33.13 -25.32 12.56
N THR C 186 -32.26 -25.75 11.65
CA THR C 186 -32.43 -27.03 11.01
C THR C 186 -31.82 -28.02 11.97
N GLU C 187 -31.86 -29.28 11.59
CA GLU C 187 -31.18 -30.29 12.35
C GLU C 187 -29.69 -30.11 12.11
N VAL C 188 -28.86 -30.77 12.92
CA VAL C 188 -27.42 -30.74 12.77
C VAL C 188 -27.02 -31.55 11.56
N PHE C 189 -26.31 -30.94 10.62
CA PHE C 189 -25.90 -31.59 9.39
C PHE C 189 -24.48 -32.11 9.31
N HIS C 190 -23.64 -31.79 10.29
CA HIS C 190 -22.27 -32.29 10.29
C HIS C 190 -21.78 -32.43 11.72
N PRO C 191 -20.86 -33.37 11.94
CA PRO C 191 -20.35 -33.58 13.26
C PRO C 191 -19.33 -32.53 13.66
N GLU C 192 -19.05 -32.49 14.94
CA GLU C 192 -18.10 -31.56 15.52
C GLU C 192 -16.68 -31.69 15.00
N ASP C 193 -16.36 -32.85 14.44
CA ASP C 193 -15.02 -33.14 13.95
C ASP C 193 -14.82 -33.01 12.44
N GLU C 194 -15.87 -32.57 11.74
CA GLU C 194 -15.84 -32.30 10.32
C GLU C 194 -15.81 -30.80 10.24
N PHE C 195 -14.75 -30.24 9.70
CA PHE C 195 -14.61 -28.80 9.60
C PHE C 195 -14.99 -28.24 8.24
N LEU C 196 -15.98 -27.36 8.26
CA LEU C 196 -16.49 -26.68 7.07
C LEU C 196 -15.68 -25.42 6.78
N ILE C 197 -15.17 -25.29 5.57
CA ILE C 197 -14.27 -24.19 5.24
C ILE C 197 -14.90 -22.81 5.35
N ASN C 198 -14.09 -21.76 5.32
CA ASN C 198 -14.65 -20.43 5.45
C ASN C 198 -15.19 -19.85 4.16
N HIS C 199 -14.97 -20.55 3.06
CA HIS C 199 -15.41 -20.05 1.78
C HIS C 199 -16.27 -21.02 0.98
N PRO C 200 -17.50 -21.23 1.42
CA PRO C 200 -18.40 -22.08 0.66
C PRO C 200 -18.84 -21.35 -0.61
N ALA C 201 -19.37 -22.06 -1.59
CA ALA C 201 -19.91 -21.38 -2.75
C ALA C 201 -21.41 -21.33 -2.57
N TYR C 202 -22.05 -20.25 -2.95
CA TYR C 202 -23.48 -20.19 -2.82
C TYR C 202 -24.04 -19.55 -4.05
N SER C 203 -24.99 -20.20 -4.71
CA SER C 203 -25.62 -19.58 -5.86
C SER C 203 -27.01 -19.15 -5.42
N GLN C 204 -27.20 -17.85 -5.28
CA GLN C 204 -28.49 -17.34 -4.85
C GLN C 204 -29.57 -17.61 -5.85
N LYS C 205 -29.25 -17.54 -7.13
CA LYS C 205 -30.30 -17.83 -8.09
C LYS C 205 -30.81 -19.26 -8.04
N ALA C 206 -29.93 -20.22 -7.86
CA ALA C 206 -30.35 -21.61 -7.79
C ALA C 206 -30.69 -22.01 -6.37
N GLY C 207 -30.36 -21.18 -5.41
CA GLY C 207 -30.63 -21.58 -4.03
C GLY C 207 -29.79 -22.77 -3.60
N ARG C 208 -28.57 -22.87 -4.12
CA ARG C 208 -27.69 -23.99 -3.82
C ARG C 208 -26.46 -23.59 -3.03
N LEU C 209 -26.24 -24.19 -1.87
CA LEU C 209 -25.05 -23.93 -1.05
C LEU C 209 -24.15 -25.15 -1.14
N VAL C 210 -22.91 -24.99 -1.58
CA VAL C 210 -21.96 -26.07 -1.74
C VAL C 210 -20.87 -25.88 -0.71
N TRP C 211 -20.70 -26.79 0.25
CA TRP C 211 -19.79 -26.51 1.34
C TRP C 211 -18.85 -27.67 1.61
N PRO C 212 -17.58 -27.53 1.25
CA PRO C 212 -16.62 -28.58 1.42
C PRO C 212 -16.07 -28.57 2.82
N THR C 213 -15.52 -29.70 3.29
CA THR C 213 -14.85 -29.75 4.59
C THR C 213 -13.35 -29.80 4.29
N TYR C 214 -12.51 -29.78 5.31
CA TYR C 214 -11.07 -29.87 5.13
C TYR C 214 -10.60 -31.06 4.32
N THR C 215 -11.39 -32.14 4.28
CA THR C 215 -10.97 -33.34 3.54
C THR C 215 -11.51 -33.42 2.12
N GLY C 216 -12.31 -32.46 1.71
CA GLY C 216 -12.82 -32.51 0.35
C GLY C 216 -14.19 -33.12 0.27
N LYS C 217 -14.74 -33.48 1.43
CA LYS C 217 -16.09 -33.99 1.44
C LYS C 217 -16.97 -32.77 1.20
N ILE C 218 -18.00 -32.90 0.35
CA ILE C 218 -18.83 -31.78 0.01
C ILE C 218 -20.27 -31.91 0.45
N HIS C 219 -20.76 -30.99 1.30
CA HIS C 219 -22.16 -30.99 1.69
C HIS C 219 -22.92 -30.10 0.71
N GLN C 220 -24.10 -30.48 0.27
CA GLN C 220 -24.86 -29.58 -0.57
C GLN C 220 -26.18 -29.37 0.13
N ILE C 221 -26.67 -28.13 0.15
CA ILE C 221 -27.94 -27.83 0.79
C ILE C 221 -28.79 -27.13 -0.23
N ASP C 222 -30.04 -27.55 -0.40
CA ASP C 222 -30.93 -26.89 -1.34
C ASP C 222 -31.82 -25.93 -0.57
N LEU C 223 -31.76 -24.64 -0.88
CA LEU C 223 -32.54 -23.63 -0.19
C LEU C 223 -33.65 -23.06 -1.06
N SER C 224 -33.86 -23.63 -2.27
CA SER C 224 -34.87 -23.11 -3.17
C SER C 224 -36.31 -23.16 -2.67
N SER C 225 -36.64 -24.12 -1.81
CA SER C 225 -37.99 -24.20 -1.28
C SER C 225 -38.24 -23.03 -0.34
N GLY C 226 -37.15 -22.40 0.10
CA GLY C 226 -37.21 -21.34 1.09
C GLY C 226 -36.90 -21.97 2.44
N ASP C 227 -36.72 -23.28 2.43
CA ASP C 227 -36.34 -24.04 3.60
C ASP C 227 -35.22 -24.95 3.19
N ALA C 228 -34.43 -25.34 4.15
CA ALA C 228 -33.28 -26.15 3.84
C ALA C 228 -33.57 -27.62 3.66
N LYS C 229 -33.16 -28.15 2.51
CA LYS C 229 -33.18 -29.57 2.21
C LYS C 229 -31.75 -30.09 2.07
N PHE C 230 -31.36 -31.05 2.87
CA PHE C 230 -30.01 -31.53 2.76
C PHE C 230 -29.89 -32.59 1.67
N LEU C 231 -28.72 -32.63 1.05
CA LEU C 231 -28.42 -33.61 0.02
C LEU C 231 -27.39 -34.55 0.62
N PRO C 232 -27.27 -35.74 0.07
CA PRO C 232 -26.25 -36.64 0.61
C PRO C 232 -24.85 -36.09 0.29
N ALA C 233 -23.89 -36.21 1.19
CA ALA C 233 -22.57 -35.65 0.89
C ALA C 233 -21.84 -36.44 -0.19
N VAL C 234 -21.03 -35.75 -0.97
CA VAL C 234 -20.24 -36.36 -2.03
C VAL C 234 -18.77 -36.28 -1.67
N GLU C 235 -17.93 -37.27 -2.00
CA GLU C 235 -16.50 -37.10 -1.74
C GLU C 235 -15.85 -36.57 -3.01
N ALA C 236 -15.10 -35.48 -2.95
CA ALA C 236 -14.48 -34.95 -4.15
C ALA C 236 -13.25 -35.72 -4.57
N LEU C 237 -12.60 -36.32 -3.59
CA LEU C 237 -11.37 -37.07 -3.83
C LEU C 237 -11.62 -38.54 -3.54
N THR C 238 -11.00 -39.43 -4.28
CA THR C 238 -11.17 -40.87 -4.07
C THR C 238 -10.45 -41.35 -2.81
N GLU C 239 -10.74 -42.55 -2.32
CA GLU C 239 -10.05 -43.00 -1.11
C GLU C 239 -8.55 -43.07 -1.35
N ALA C 240 -8.21 -43.40 -2.59
CA ALA C 240 -6.82 -43.53 -2.96
C ALA C 240 -6.09 -42.21 -2.90
N GLU C 241 -6.73 -41.17 -3.42
CA GLU C 241 -6.13 -39.86 -3.40
C GLU C 241 -5.98 -39.40 -1.95
N ARG C 242 -7.02 -39.66 -1.17
CA ARG C 242 -6.97 -39.27 0.21
C ARG C 242 -5.88 -40.00 0.97
N ALA C 243 -5.72 -41.27 0.66
CA ALA C 243 -4.71 -42.04 1.34
C ALA C 243 -3.35 -41.52 0.91
N ASP C 244 -3.33 -40.99 -0.29
CA ASP C 244 -2.12 -40.45 -0.86
C ASP C 244 -1.82 -39.00 -0.46
N GLY C 245 -2.58 -38.40 0.46
CA GLY C 245 -2.26 -37.03 0.84
C GLY C 245 -3.00 -35.91 0.12
N TRP C 246 -3.94 -36.21 -0.75
CA TRP C 246 -4.64 -35.12 -1.42
C TRP C 246 -5.71 -34.52 -0.54
N ARG C 247 -5.81 -33.18 -0.56
CA ARG C 247 -6.78 -32.43 0.22
C ARG C 247 -6.96 -31.08 -0.45
N PRO C 248 -8.10 -30.44 -0.24
CA PRO C 248 -8.32 -29.11 -0.77
C PRO C 248 -7.42 -28.15 -0.03
N GLY C 249 -7.15 -26.96 -0.57
CA GLY C 249 -6.35 -26.00 0.17
C GLY C 249 -6.32 -24.71 -0.63
N GLY C 250 -6.29 -23.57 0.05
CA GLY C 250 -6.31 -22.30 -0.63
C GLY C 250 -7.19 -21.34 0.14
N TRP C 251 -7.75 -20.37 -0.57
CA TRP C 251 -8.67 -19.39 -0.01
C TRP C 251 -10.06 -19.67 -0.55
N GLN C 252 -10.43 -19.16 -1.74
CA GLN C 252 -11.70 -19.54 -2.33
C GLN C 252 -11.47 -20.86 -3.03
N GLN C 253 -11.64 -21.93 -2.26
CA GLN C 253 -11.39 -23.29 -2.71
C GLN C 253 -12.41 -23.92 -3.61
N VAL C 254 -13.64 -23.43 -3.59
CA VAL C 254 -14.62 -24.13 -4.41
C VAL C 254 -15.43 -23.13 -5.19
N ALA C 255 -15.88 -23.56 -6.37
CA ALA C 255 -16.71 -22.72 -7.20
C ALA C 255 -17.86 -23.57 -7.69
N TYR C 256 -19.00 -22.95 -7.98
CA TYR C 256 -20.12 -23.74 -8.45
C TYR C 256 -20.71 -23.09 -9.69
N HIS C 257 -20.86 -23.84 -10.78
CA HIS C 257 -21.45 -23.32 -11.99
C HIS C 257 -22.92 -23.71 -12.02
N ARG C 258 -23.84 -22.74 -11.98
CA ARG C 258 -25.27 -23.05 -11.93
C ARG C 258 -25.85 -23.75 -13.15
N ALA C 259 -25.78 -23.11 -14.31
CA ALA C 259 -26.38 -23.66 -15.52
C ALA C 259 -25.87 -25.04 -15.89
N LEU C 260 -24.62 -25.33 -15.57
CA LEU C 260 -24.05 -26.63 -15.87
C LEU C 260 -24.14 -27.57 -14.66
N ASP C 261 -24.46 -27.01 -13.50
CA ASP C 261 -24.59 -27.83 -12.30
C ASP C 261 -23.31 -28.59 -12.00
N ARG C 262 -22.18 -27.86 -11.96
CA ARG C 262 -20.85 -28.41 -11.73
C ARG C 262 -20.12 -27.74 -10.58
N ILE C 263 -19.33 -28.53 -9.87
CA ILE C 263 -18.53 -28.06 -8.75
C ILE C 263 -17.07 -28.12 -9.15
N TYR C 264 -16.30 -27.10 -8.81
CA TYR C 264 -14.88 -27.04 -9.10
C TYR C 264 -14.19 -26.90 -7.73
N LEU C 265 -13.20 -27.74 -7.42
CA LEU C 265 -12.53 -27.70 -6.12
C LEU C 265 -11.01 -27.60 -6.27
N LEU C 266 -10.33 -26.71 -5.57
CA LEU C 266 -8.86 -26.63 -5.63
C LEU C 266 -8.28 -27.70 -4.73
N VAL C 267 -7.32 -28.53 -5.21
CA VAL C 267 -6.77 -29.57 -4.36
C VAL C 267 -5.30 -29.76 -4.64
N ASP C 268 -4.62 -30.48 -3.75
CA ASP C 268 -3.22 -30.78 -3.99
C ASP C 268 -2.82 -31.74 -2.91
N GLN C 269 -1.61 -32.26 -2.96
CA GLN C 269 -1.15 -33.15 -1.91
C GLN C 269 -0.55 -32.27 -0.84
N ARG C 270 -0.97 -32.40 0.41
CA ARG C 270 -0.44 -31.53 1.43
C ARG C 270 -0.63 -32.15 2.79
N ASP C 271 0.09 -31.61 3.76
CA ASP C 271 -0.10 -32.01 5.13
C ASP C 271 -1.45 -31.52 5.56
N GLU C 272 -2.01 -32.15 6.59
CA GLU C 272 -3.32 -31.78 7.08
C GLU C 272 -3.48 -30.38 7.63
N TRP C 273 -2.40 -29.78 8.11
CA TRP C 273 -2.60 -28.42 8.64
C TRP C 273 -2.06 -27.34 7.72
N ARG C 274 -1.99 -27.62 6.43
CA ARG C 274 -1.51 -26.62 5.46
C ARG C 274 -2.65 -26.25 4.57
N HIS C 275 -3.84 -26.16 5.20
CA HIS C 275 -5.07 -25.90 4.48
C HIS C 275 -5.23 -24.58 3.76
N LYS C 276 -4.38 -23.59 4.09
CA LYS C 276 -4.44 -22.29 3.44
C LYS C 276 -3.37 -22.04 2.38
N THR C 277 -2.57 -23.05 2.01
CA THR C 277 -1.52 -22.88 1.01
C THR C 277 -2.11 -23.01 -0.37
N ALA C 278 -1.43 -22.48 -1.39
CA ALA C 278 -1.94 -22.57 -2.75
C ALA C 278 -2.00 -24.01 -3.25
N SER C 279 -2.83 -24.28 -4.25
CA SER C 279 -2.98 -25.61 -4.81
C SER C 279 -2.74 -25.53 -6.30
N ARG C 280 -2.30 -26.63 -6.92
CA ARG C 280 -2.00 -26.62 -8.34
C ARG C 280 -2.95 -27.43 -9.19
N PHE C 281 -4.00 -28.00 -8.59
CA PHE C 281 -4.91 -28.79 -9.39
C PHE C 281 -6.34 -28.37 -9.11
N VAL C 282 -7.24 -28.69 -10.02
CA VAL C 282 -8.63 -28.42 -9.83
C VAL C 282 -9.41 -29.64 -10.25
N VAL C 283 -10.29 -30.17 -9.41
CA VAL C 283 -11.12 -31.32 -9.80
C VAL C 283 -12.50 -30.81 -10.15
N VAL C 284 -13.12 -31.35 -11.19
CA VAL C 284 -14.42 -30.89 -11.58
C VAL C 284 -15.40 -32.04 -11.38
N LEU C 285 -16.58 -31.82 -10.81
CA LEU C 285 -17.47 -32.93 -10.61
C LEU C 285 -18.92 -32.58 -10.88
N ASP C 286 -19.72 -33.59 -11.25
CA ASP C 286 -21.14 -33.36 -11.50
C ASP C 286 -21.88 -33.23 -10.19
N ALA C 287 -22.64 -32.14 -10.00
CA ALA C 287 -23.30 -31.95 -8.72
C ALA C 287 -24.39 -32.98 -8.42
N LYS C 288 -25.00 -33.56 -9.45
CA LYS C 288 -26.09 -34.52 -9.30
C LYS C 288 -25.64 -35.92 -8.90
N THR C 289 -24.55 -36.37 -9.50
CA THR C 289 -24.05 -37.70 -9.20
C THR C 289 -22.77 -37.78 -8.39
N GLY C 290 -21.98 -36.73 -8.38
CA GLY C 290 -20.73 -36.79 -7.65
C GLY C 290 -19.62 -37.38 -8.49
N GLU C 291 -19.94 -37.57 -9.77
CA GLU C 291 -19.00 -38.14 -10.70
C GLU C 291 -17.94 -37.13 -11.13
N ARG C 292 -16.69 -37.55 -11.19
CA ARG C 292 -15.59 -36.69 -11.61
C ARG C 292 -15.61 -36.49 -13.10
N LEU C 293 -15.58 -35.23 -13.52
CA LEU C 293 -15.59 -34.88 -14.94
C LEU C 293 -14.18 -34.65 -15.44
N ALA C 294 -13.35 -34.11 -14.56
CA ALA C 294 -11.99 -33.79 -14.95
C ALA C 294 -11.13 -33.43 -13.75
N LYS C 295 -9.81 -33.40 -13.99
CA LYS C 295 -8.85 -32.99 -12.98
C LYS C 295 -7.87 -32.16 -13.77
N PHE C 296 -7.81 -30.86 -13.53
CA PHE C 296 -6.93 -30.03 -14.33
C PHE C 296 -5.63 -29.71 -13.62
N GLU C 297 -4.55 -29.66 -14.39
CA GLU C 297 -3.28 -29.27 -13.87
C GLU C 297 -3.20 -27.79 -14.20
N MET C 298 -3.24 -26.97 -13.17
CA MET C 298 -3.25 -25.52 -13.36
C MET C 298 -1.91 -24.93 -13.80
N GLY C 299 -0.80 -25.52 -13.41
CA GLY C 299 0.49 -24.99 -13.89
C GLY C 299 1.00 -23.76 -13.17
N HIS C 300 0.33 -23.39 -12.09
CA HIS C 300 0.66 -22.25 -11.24
C HIS C 300 0.12 -22.53 -9.85
N GLU C 301 0.59 -21.77 -8.85
CA GLU C 301 0.17 -21.90 -7.46
C GLU C 301 -1.06 -21.04 -7.33
N ILE C 302 -2.20 -21.69 -7.23
CA ILE C 302 -3.44 -20.97 -7.21
C ILE C 302 -4.08 -20.90 -5.83
N ASP C 303 -4.58 -19.75 -5.43
CA ASP C 303 -5.19 -19.62 -4.12
C ASP C 303 -6.71 -19.59 -4.17
N SER C 304 -7.25 -18.97 -5.22
CA SER C 304 -8.68 -18.81 -5.36
C SER C 304 -9.17 -19.13 -6.76
N ILE C 305 -10.38 -19.69 -6.87
CA ILE C 305 -11.01 -19.95 -8.16
C ILE C 305 -12.44 -19.44 -8.17
N ASN C 306 -12.96 -19.15 -9.35
CA ASN C 306 -14.35 -18.77 -9.50
C ASN C 306 -14.69 -19.07 -10.97
N VAL C 307 -15.94 -18.97 -11.38
CA VAL C 307 -16.25 -19.23 -12.79
C VAL C 307 -17.25 -18.22 -13.31
N SER C 308 -17.24 -17.96 -14.62
CA SER C 308 -18.26 -17.11 -15.17
C SER C 308 -19.51 -17.97 -15.23
N GLN C 309 -20.69 -17.37 -15.18
CA GLN C 309 -21.93 -18.13 -15.09
C GLN C 309 -22.66 -18.33 -16.40
N ASP C 310 -22.01 -18.01 -17.51
CA ASP C 310 -22.57 -18.20 -18.82
C ASP C 310 -22.41 -19.65 -19.23
N GLU C 311 -23.01 -19.98 -20.37
CA GLU C 311 -23.00 -21.35 -20.87
C GLU C 311 -21.71 -21.99 -21.34
N LYS C 312 -20.67 -21.20 -21.61
CA LYS C 312 -19.37 -21.80 -21.95
C LYS C 312 -18.36 -21.01 -21.14
N PRO C 313 -18.34 -21.32 -19.87
CA PRO C 313 -17.64 -20.52 -18.90
C PRO C 313 -16.14 -20.47 -18.96
N LEU C 314 -15.62 -19.43 -18.34
CA LEU C 314 -14.19 -19.30 -18.08
C LEU C 314 -13.97 -19.72 -16.65
N LEU C 315 -12.85 -20.34 -16.35
CA LEU C 315 -12.46 -20.70 -15.01
C LEU C 315 -11.42 -19.65 -14.58
N TYR C 316 -11.67 -18.89 -13.54
CA TYR C 316 -10.70 -17.89 -13.08
C TYR C 316 -9.80 -18.49 -12.01
N ALA C 317 -8.48 -18.33 -12.10
CA ALA C 317 -7.58 -18.91 -11.12
C ALA C 317 -6.63 -17.82 -10.65
N LEU C 318 -6.74 -17.41 -9.40
CA LEU C 318 -5.98 -16.29 -8.92
C LEU C 318 -4.86 -16.72 -8.04
N SER C 319 -3.67 -16.18 -8.30
CA SER C 319 -2.52 -16.49 -7.49
C SER C 319 -2.14 -15.27 -6.63
N THR C 320 -2.25 -15.40 -5.31
CA THR C 320 -1.92 -14.29 -4.44
C THR C 320 -0.46 -13.95 -4.52
N GLY C 321 0.35 -14.98 -4.60
CA GLY C 321 1.79 -14.79 -4.66
C GLY C 321 2.26 -14.14 -5.95
N ASP C 322 1.71 -14.54 -7.08
CA ASP C 322 2.14 -13.96 -8.36
C ASP C 322 1.41 -12.66 -8.61
N LYS C 323 0.37 -12.38 -7.81
CA LYS C 323 -0.51 -11.24 -8.02
C LYS C 323 -1.09 -11.33 -9.41
N THR C 324 -1.44 -12.53 -9.87
CA THR C 324 -1.93 -12.64 -11.25
C THR C 324 -3.21 -13.44 -11.35
N LEU C 325 -4.10 -13.07 -12.27
CA LEU C 325 -5.33 -13.81 -12.52
C LEU C 325 -5.10 -14.59 -13.79
N TYR C 326 -5.14 -15.91 -13.71
CA TYR C 326 -5.02 -16.69 -14.91
C TYR C 326 -6.41 -17.03 -15.37
N ILE C 327 -6.68 -16.87 -16.65
CA ILE C 327 -8.01 -17.16 -17.15
C ILE C 327 -7.97 -18.42 -18.00
N HIS C 328 -8.71 -19.46 -17.62
CA HIS C 328 -8.72 -20.73 -18.32
C HIS C 328 -10.07 -21.06 -18.94
N ASP C 329 -10.06 -21.98 -19.89
CA ASP C 329 -11.31 -22.47 -20.43
C ASP C 329 -11.83 -23.44 -19.39
N ALA C 330 -13.07 -23.25 -18.89
CA ALA C 330 -13.55 -24.12 -17.83
C ALA C 330 -13.77 -25.55 -18.26
N GLU C 331 -13.85 -25.74 -19.57
CA GLU C 331 -14.10 -27.09 -20.04
C GLU C 331 -12.84 -27.92 -20.25
N SER C 332 -11.87 -27.32 -20.92
CA SER C 332 -10.63 -28.03 -21.20
C SER C 332 -9.58 -27.81 -20.12
N GLY C 333 -9.71 -26.72 -19.36
CA GLY C 333 -8.75 -26.41 -18.31
C GLY C 333 -7.55 -25.66 -18.86
N GLU C 334 -7.59 -25.46 -20.15
CA GLU C 334 -6.48 -24.81 -20.78
C GLU C 334 -6.38 -23.31 -20.52
N GLU C 335 -5.15 -22.84 -20.33
CA GLU C 335 -4.87 -21.43 -20.03
C GLU C 335 -5.01 -20.58 -21.28
N LEU C 336 -5.85 -19.55 -21.22
CA LEU C 336 -6.10 -18.67 -22.33
C LEU C 336 -5.35 -17.36 -22.27
N ARG C 337 -5.41 -16.70 -21.12
CA ARG C 337 -4.80 -15.39 -20.93
C ARG C 337 -4.55 -15.15 -19.45
N SER C 338 -3.79 -14.10 -19.09
CA SER C 338 -3.53 -13.77 -17.69
C SER C 338 -3.47 -12.26 -17.55
N VAL C 339 -3.65 -11.79 -16.33
CA VAL C 339 -3.65 -10.35 -16.05
C VAL C 339 -2.82 -10.24 -14.79
N ASN C 340 -1.68 -9.59 -14.89
CA ASN C 340 -0.74 -9.47 -13.80
C ASN C 340 -0.79 -8.11 -13.12
N GLN C 341 0.10 -7.91 -12.14
CA GLN C 341 0.18 -6.66 -11.40
C GLN C 341 -1.13 -6.34 -10.72
N LEU C 342 -1.75 -7.36 -10.13
CA LEU C 342 -3.03 -7.12 -9.47
C LEU C 342 -2.89 -6.75 -8.02
N GLY C 343 -2.22 -5.65 -7.71
CA GLY C 343 -2.11 -5.21 -6.33
C GLY C 343 -1.03 -5.94 -5.57
N HIS C 344 -1.21 -5.99 -4.24
CA HIS C 344 -0.22 -6.57 -3.35
C HIS C 344 -0.45 -8.00 -2.91
N GLY C 345 -1.69 -8.38 -2.68
CA GLY C 345 -1.99 -9.75 -2.26
C GLY C 345 -3.44 -10.08 -2.59
N PRO C 346 -3.79 -10.05 -3.86
CA PRO C 346 -5.16 -10.27 -4.26
C PRO C 346 -5.66 -11.64 -3.83
N GLN C 347 -6.91 -11.73 -3.40
CA GLN C 347 -7.40 -13.03 -2.94
C GLN C 347 -8.81 -13.41 -3.32
N VAL C 348 -9.69 -12.45 -3.62
CA VAL C 348 -11.10 -12.77 -3.87
C VAL C 348 -11.55 -12.42 -5.27
N ILE C 349 -12.24 -13.37 -5.91
CA ILE C 349 -12.76 -13.15 -7.27
C ILE C 349 -14.28 -13.14 -7.19
N THR C 350 -14.96 -12.20 -7.84
CA THR C 350 -16.41 -12.19 -7.78
C THR C 350 -16.97 -12.10 -9.19
N THR C 351 -18.03 -12.84 -9.50
CA THR C 351 -18.67 -12.76 -10.80
C THR C 351 -20.17 -12.67 -10.60
N ALA C 352 -20.86 -12.11 -11.58
CA ALA C 352 -22.31 -11.93 -11.50
C ALA C 352 -22.98 -13.08 -12.26
N ASP C 353 -24.14 -13.52 -11.81
CA ASP C 353 -24.86 -14.55 -12.54
C ASP C 353 -25.96 -13.85 -13.31
N MET C 354 -25.65 -13.39 -14.51
CA MET C 354 -26.61 -12.61 -15.26
C MET C 354 -27.61 -13.41 -16.09
N GLY C 355 -27.49 -14.72 -16.12
CA GLY C 355 -28.37 -15.50 -16.98
C GLY C 355 -29.62 -16.11 -16.38
N THR D 1 10.44 -24.94 2.03
CA THR D 1 10.28 -24.63 0.63
C THR D 1 8.92 -25.08 0.10
N ASP D 2 8.73 -26.38 0.10
CA ASP D 2 7.46 -26.91 -0.34
C ASP D 2 6.45 -26.36 0.64
N PRO D 3 5.66 -25.38 0.20
CA PRO D 3 4.74 -24.78 1.16
C PRO D 3 3.74 -25.77 1.74
N ARG D 4 3.45 -26.82 0.99
CA ARG D 4 2.44 -27.78 1.39
C ARG D 4 2.93 -28.87 2.33
N ALA D 5 4.21 -28.91 2.57
CA ALA D 5 4.75 -29.97 3.41
C ALA D 5 4.50 -29.68 4.87
N LYS D 6 4.50 -30.73 5.69
CA LYS D 6 4.29 -30.63 7.12
C LYS D 6 5.22 -29.59 7.71
N TRP D 7 4.70 -28.78 8.62
CA TRP D 7 5.52 -27.72 9.21
C TRP D 7 6.52 -28.28 10.23
N VAL D 8 7.80 -27.87 10.16
CA VAL D 8 8.85 -28.33 11.07
C VAL D 8 9.37 -27.15 11.86
N PRO D 9 9.20 -27.15 13.18
CA PRO D 9 9.61 -26.00 13.95
C PRO D 9 11.10 -25.98 14.26
N GLN D 10 11.63 -24.78 14.49
CA GLN D 10 13.01 -24.58 14.88
C GLN D 10 13.04 -23.66 16.07
N ASP D 11 14.16 -23.66 16.79
CA ASP D 11 14.25 -22.81 17.96
C ASP D 11 15.47 -21.92 17.85
N ASN D 12 15.87 -21.55 16.62
CA ASN D 12 17.06 -20.73 16.54
C ASN D 12 16.92 -19.33 15.96
N ASP D 13 15.82 -19.07 15.27
CA ASP D 13 15.65 -17.76 14.67
C ASP D 13 14.22 -17.28 14.85
N ILE D 14 14.02 -16.30 15.73
CA ILE D 14 12.67 -15.84 15.96
C ILE D 14 12.02 -15.07 14.84
N GLN D 15 12.77 -14.60 13.86
CA GLN D 15 12.16 -13.87 12.77
C GLN D 15 11.74 -14.75 11.61
N ALA D 16 12.01 -16.05 11.70
CA ALA D 16 11.69 -16.99 10.64
C ALA D 16 10.29 -17.56 10.83
N CYS D 17 9.60 -17.88 9.75
CA CYS D 17 8.24 -18.31 9.91
C CYS D 17 8.15 -19.71 10.48
N ASP D 18 9.29 -20.40 10.56
CA ASP D 18 9.26 -21.75 11.15
C ASP D 18 9.69 -21.71 12.61
N TYR D 19 9.81 -20.51 13.18
CA TYR D 19 10.16 -20.47 14.61
C TYR D 19 9.07 -21.21 15.37
N TRP D 20 9.40 -22.01 16.36
CA TRP D 20 8.41 -22.83 17.03
C TRP D 20 7.13 -22.16 17.51
N ARG D 21 7.25 -20.99 18.11
CA ARG D 21 6.10 -20.32 18.66
C ARG D 21 5.13 -19.75 17.64
N HIS D 22 5.53 -19.71 16.38
CA HIS D 22 4.72 -19.14 15.31
C HIS D 22 3.80 -20.12 14.60
N CYS D 23 3.51 -21.24 15.26
CA CYS D 23 2.75 -22.32 14.64
C CYS D 23 1.35 -22.01 14.12
N SER D 24 0.77 -20.92 14.60
CA SER D 24 -0.56 -20.52 14.12
C SER D 24 -0.62 -19.01 13.98
N ILE D 25 0.51 -18.40 13.61
CA ILE D 25 0.49 -16.95 13.41
C ILE D 25 -0.07 -16.61 12.04
N ASP D 26 -0.67 -15.44 11.91
CA ASP D 26 -1.20 -14.98 10.64
C ASP D 26 -0.94 -13.49 10.56
N GLY D 27 0.05 -13.06 9.78
CA GLY D 27 0.29 -11.64 9.78
C GLY D 27 1.77 -11.36 9.66
N ASN D 28 2.31 -10.63 10.62
CA ASN D 28 3.71 -10.28 10.61
C ASN D 28 4.31 -10.43 11.99
N ILE D 29 5.58 -10.80 12.06
CA ILE D 29 6.25 -10.97 13.35
C ILE D 29 6.65 -9.62 13.92
N CYS D 30 6.21 -9.31 15.12
CA CYS D 30 6.51 -8.00 15.68
C CYS D 30 7.98 -7.73 15.90
N ASP D 31 8.77 -8.76 16.13
CA ASP D 31 10.16 -8.52 16.38
C ASP D 31 10.81 -7.79 15.21
N CYS D 32 10.18 -7.90 14.04
CA CYS D 32 10.73 -7.26 12.85
C CYS D 32 10.33 -5.82 12.69
N SER D 33 9.58 -5.25 13.62
CA SER D 33 9.24 -3.85 13.42
C SER D 33 9.41 -3.08 14.69
N GLY D 34 10.35 -3.54 15.51
CA GLY D 34 10.60 -2.79 16.72
C GLY D 34 9.97 -3.36 17.97
N GLY D 35 9.23 -4.45 17.86
CA GLY D 35 8.67 -5.04 19.05
C GLY D 35 9.65 -6.12 19.49
N SER D 36 9.13 -7.17 20.11
CA SER D 36 9.97 -8.31 20.46
C SER D 36 9.11 -9.55 20.34
N LEU D 37 9.63 -10.70 20.75
CA LEU D 37 8.84 -11.91 20.61
C LEU D 37 7.52 -11.79 21.37
N THR D 38 7.51 -11.05 22.48
CA THR D 38 6.28 -10.98 23.26
C THR D 38 5.80 -9.58 23.58
N ASN D 39 6.39 -8.55 22.98
CA ASN D 39 5.97 -7.19 23.27
C ASN D 39 5.70 -6.46 21.97
N CYS D 40 4.78 -5.50 22.03
CA CYS D 40 4.45 -4.70 20.87
C CYS D 40 5.48 -3.59 20.64
N PRO D 41 5.59 -3.12 19.40
CA PRO D 41 6.49 -2.02 19.08
C PRO D 41 5.98 -0.71 19.64
N PRO D 42 6.85 0.26 19.85
CA PRO D 42 6.41 1.55 20.36
C PRO D 42 5.34 2.15 19.47
N GLY D 43 4.38 2.84 20.09
CA GLY D 43 3.40 3.50 19.27
C GLY D 43 2.16 2.68 18.99
N THR D 44 2.26 1.35 19.01
CA THR D 44 1.09 0.54 18.74
C THR D 44 0.32 0.29 20.01
N LYS D 45 -0.87 -0.31 19.90
CA LYS D 45 -1.72 -0.62 21.05
C LYS D 45 -1.82 -2.13 21.20
N LEU D 46 -1.70 -2.65 22.42
CA LEU D 46 -1.72 -4.09 22.67
C LEU D 46 -3.13 -4.61 22.91
N ALA D 47 -3.62 -5.56 22.11
CA ALA D 47 -4.93 -6.12 22.36
C ALA D 47 -4.93 -7.06 23.54
N THR D 48 -6.11 -7.33 24.10
CA THR D 48 -6.22 -8.32 25.16
C THR D 48 -6.73 -9.63 24.58
N ALA D 49 -7.35 -9.56 23.40
CA ALA D 49 -7.91 -10.73 22.76
C ALA D 49 -6.86 -11.54 22.04
N SER D 50 -7.17 -12.78 21.68
CA SER D 50 -6.21 -13.58 20.93
C SER D 50 -6.88 -14.82 20.40
N VAL D 52 -5.69 -18.94 19.91
CA VAL D 52 -4.60 -19.69 20.52
C VAL D 52 -4.28 -20.93 19.74
N ALA D 53 -3.12 -21.49 20.04
CA ALA D 53 -2.74 -22.75 19.44
C ALA D 53 -1.77 -23.45 20.37
N SER D 54 -1.64 -24.76 20.22
CA SER D 54 -0.64 -25.49 21.00
C SER D 54 0.53 -25.72 20.08
N CYS D 55 1.68 -25.16 20.42
CA CYS D 55 2.85 -25.31 19.57
C CYS D 55 3.88 -26.17 20.27
N TYR D 56 4.51 -27.07 19.53
CA TYR D 56 5.54 -27.93 20.10
C TYR D 56 6.88 -27.23 20.16
N ASN D 57 7.58 -27.26 21.31
CA ASN D 57 8.89 -26.65 21.44
C ASN D 57 9.97 -27.71 21.24
N PRO D 58 10.75 -27.69 20.18
CA PRO D 58 11.69 -28.78 19.99
C PRO D 58 12.78 -28.88 21.03
N THR D 59 13.06 -27.76 21.66
CA THR D 59 14.17 -27.73 22.60
C THR D 59 13.89 -28.46 23.89
N ASP D 60 12.63 -28.44 24.31
CA ASP D 60 12.31 -29.08 25.59
C ASP D 60 11.37 -30.24 25.44
N GLY D 61 10.85 -30.50 24.25
CA GLY D 61 9.98 -31.65 24.10
C GLY D 61 8.56 -31.45 24.57
N GLN D 62 8.20 -30.23 24.96
CA GLN D 62 6.80 -30.05 25.35
C GLN D 62 6.07 -29.15 24.42
N SER D 63 4.76 -29.11 24.62
CA SER D 63 3.86 -28.24 23.88
C SER D 63 3.36 -27.15 24.77
N TYR D 64 3.17 -25.97 24.22
CA TYR D 64 2.73 -24.84 25.00
C TYR D 64 1.61 -24.14 24.30
N LEU D 65 0.74 -23.51 25.09
CA LEU D 65 -0.36 -22.78 24.53
C LEU D 65 0.12 -21.38 24.23
N ILE D 66 0.06 -20.99 22.94
CA ILE D 66 0.48 -19.67 22.53
C ILE D 66 -0.76 -18.84 22.30
N ALA D 67 -0.79 -17.64 22.86
CA ALA D 67 -1.91 -16.73 22.69
C ALA D 67 -1.53 -15.64 21.71
N TYR D 68 -2.02 -15.72 20.49
CA TYR D 68 -1.64 -14.72 19.52
C TYR D 68 -2.38 -13.40 19.70
N ARG D 69 -1.79 -12.41 20.34
CA ARG D 69 -2.42 -11.11 20.48
C ARG D 69 -1.88 -10.18 19.42
N ASP D 70 -2.69 -9.27 18.91
CA ASP D 70 -2.21 -8.33 17.90
C ASP D 70 -1.77 -7.01 18.48
N CYS D 71 -0.85 -6.30 17.78
CA CYS D 71 -0.45 -4.96 18.15
C CYS D 71 -1.15 -4.13 17.08
N CYS D 72 -2.04 -3.23 17.51
CA CYS D 72 -2.96 -2.54 16.63
C CYS D 72 -2.79 -1.02 16.53
N GLY D 73 -3.55 -0.37 15.66
CA GLY D 73 -3.46 1.08 15.59
C GLY D 73 -2.41 1.62 14.61
N TYR D 74 -1.94 0.76 13.71
CA TYR D 74 -0.93 1.13 12.71
C TYR D 74 -1.15 0.31 11.47
N ASN D 75 -0.68 0.75 10.33
CA ASN D 75 -0.83 -0.03 9.12
C ASN D 75 0.10 -1.23 9.23
N VAL D 76 -0.16 -2.28 8.45
CA VAL D 76 0.62 -3.50 8.54
C VAL D 76 2.10 -3.21 8.34
N SER D 77 2.99 -3.84 9.11
CA SER D 77 4.40 -3.51 9.05
C SER D 77 5.04 -3.82 7.71
N GLY D 78 4.56 -4.89 7.10
CA GLY D 78 5.16 -5.28 5.83
C GLY D 78 6.47 -6.06 5.98
N ARG D 79 6.94 -6.28 7.22
CA ARG D 79 8.19 -7.04 7.39
C ARG D 79 7.93 -8.41 8.00
N CYS D 80 8.68 -9.45 7.60
CA CYS D 80 8.50 -10.75 8.23
C CYS D 80 7.08 -11.30 8.21
N PRO D 81 6.46 -11.38 7.05
CA PRO D 81 5.11 -11.91 6.94
C PRO D 81 5.13 -13.42 7.07
N CYS D 82 4.11 -14.02 7.67
CA CYS D 82 4.09 -15.47 7.81
C CYS D 82 2.63 -15.87 7.96
N LEU D 83 2.28 -17.08 7.52
CA LEU D 83 0.94 -17.58 7.78
C LEU D 83 1.10 -19.06 8.08
N ASN D 84 0.89 -19.47 9.33
CA ASN D 84 0.95 -20.88 9.70
C ASN D 84 -0.42 -21.26 10.21
N THR D 85 -0.81 -22.52 10.16
CA THR D 85 -2.15 -22.80 10.62
C THR D 85 -2.22 -24.11 11.39
N GLU D 86 -1.23 -24.39 12.24
CA GLU D 86 -1.29 -25.63 12.99
C GLU D 86 -2.46 -25.67 13.96
N GLY D 87 -3.38 -26.58 13.69
CA GLY D 87 -4.54 -26.76 14.55
C GLY D 87 -5.57 -25.67 14.35
N GLU D 88 -5.41 -24.89 13.28
CA GLU D 88 -6.36 -23.80 13.02
C GLU D 88 -7.70 -24.30 12.49
N LEU D 89 -8.79 -23.83 13.13
CA LEU D 89 -10.16 -24.22 12.81
C LEU D 89 -10.94 -23.08 12.15
N PRO D 90 -12.07 -23.40 11.53
CA PRO D 90 -12.88 -22.41 10.83
C PRO D 90 -13.41 -21.35 11.76
N VAL D 91 -13.98 -20.30 11.17
CA VAL D 91 -14.39 -19.11 11.92
C VAL D 91 -15.41 -19.38 13.00
N TYR D 92 -16.21 -20.43 12.82
CA TYR D 92 -17.22 -20.78 13.81
C TYR D 92 -16.65 -21.38 15.09
N ARG D 93 -15.33 -21.52 15.17
CA ARG D 93 -14.62 -21.99 16.33
C ARG D 93 -13.57 -20.94 16.57
N PRO D 94 -14.06 -19.74 16.80
CA PRO D 94 -13.22 -18.56 16.86
C PRO D 94 -11.97 -18.60 17.72
N GLU D 95 -11.99 -19.35 18.81
CA GLU D 95 -10.83 -19.37 19.69
C GLU D 95 -9.56 -19.80 19.00
N PHE D 96 -9.74 -20.61 17.96
CA PHE D 96 -8.65 -21.19 17.20
C PHE D 96 -8.55 -20.68 15.78
N ALA D 97 -9.30 -19.63 15.41
CA ALA D 97 -9.34 -19.17 14.04
C ALA D 97 -8.39 -18.02 13.82
N ASN D 98 -7.59 -18.03 12.75
CA ASN D 98 -6.62 -16.98 12.64
C ASN D 98 -6.75 -15.92 11.55
N ASP D 99 -7.90 -15.86 10.87
CA ASP D 99 -8.10 -14.82 9.87
C ASP D 99 -8.70 -13.58 10.52
N ILE D 100 -9.22 -13.76 11.74
CA ILE D 100 -9.85 -12.68 12.50
C ILE D 100 -8.79 -11.72 13.03
N ILE D 101 -9.07 -10.41 13.00
CA ILE D 101 -8.10 -9.44 13.52
C ILE D 101 -8.32 -9.39 15.01
N TRP D 102 -7.38 -9.95 15.76
CA TRP D 102 -7.51 -10.07 17.21
C TRP D 102 -7.07 -8.83 17.95
N CYS D 103 -7.75 -7.71 17.66
CA CYS D 103 -7.36 -6.45 18.26
C CYS D 103 -8.24 -6.01 19.43
N PHE D 104 -9.31 -6.72 19.76
CA PHE D 104 -10.19 -6.23 20.79
C PHE D 104 -9.46 -5.96 22.09
N GLY D 105 -9.88 -4.94 22.82
CA GLY D 105 -9.20 -4.68 24.06
C GLY D 105 -8.03 -3.70 23.91
N ALA D 106 -7.59 -3.42 22.70
CA ALA D 106 -6.50 -2.47 22.60
C ALA D 106 -6.98 -1.09 22.98
N GLU D 107 -6.08 -0.26 23.46
CA GLU D 107 -6.42 1.09 23.84
C GLU D 107 -6.92 1.94 22.67
N ASP D 108 -7.67 2.98 22.96
CA ASP D 108 -8.14 3.89 21.90
C ASP D 108 -8.97 3.26 20.84
N ASP D 109 -9.50 2.08 21.13
CA ASP D 109 -10.34 1.37 20.17
C ASP D 109 -9.63 1.01 18.88
N ALA D 110 -8.32 0.86 18.99
CA ALA D 110 -7.50 0.52 17.84
C ALA D 110 -7.86 -0.83 17.27
N MET D 111 -8.11 -0.92 15.97
CA MET D 111 -8.50 -2.18 15.34
C MET D 111 -7.74 -2.50 14.06
N THR D 112 -6.80 -1.64 13.65
CA THR D 112 -6.02 -1.94 12.47
C THR D 112 -4.87 -2.85 12.87
N TYR D 113 -4.49 -3.70 11.93
CA TYR D 113 -3.47 -4.72 12.17
C TYR D 113 -2.04 -4.29 11.86
N HIS D 114 -1.12 -4.40 12.84
CA HIS D 114 0.27 -4.04 12.58
C HIS D 114 1.16 -5.29 12.56
N CYS D 115 1.08 -6.04 13.65
CA CYS D 115 1.85 -7.27 13.76
C CYS D 115 1.29 -8.12 14.90
N THR D 116 1.79 -9.35 15.08
CA THR D 116 1.29 -10.22 16.13
C THR D 116 2.43 -10.71 17.01
N ILE D 117 2.22 -10.83 18.32
CA ILE D 117 3.24 -11.34 19.23
C ILE D 117 2.95 -12.81 19.58
N SER D 118 3.91 -13.53 20.17
CA SER D 118 3.66 -14.95 20.41
C SER D 118 3.99 -15.36 21.84
N PRO D 119 3.27 -14.82 22.80
CA PRO D 119 3.52 -15.11 24.20
C PRO D 119 3.00 -16.47 24.61
N ILE D 120 3.67 -17.11 25.56
CA ILE D 120 3.22 -18.38 26.08
C ILE D 120 2.24 -18.13 27.22
N VAL D 121 1.06 -18.78 27.18
CA VAL D 121 0.11 -18.62 28.27
C VAL D 121 -0.06 -19.85 29.13
N GLY D 122 0.56 -20.98 28.79
CA GLY D 122 0.38 -22.18 29.61
C GLY D 122 0.90 -23.43 28.92
N LYS D 123 0.95 -24.54 29.62
CA LYS D 123 1.39 -25.75 28.97
C LYS D 123 0.18 -26.33 28.31
N ALA D 124 0.40 -27.11 27.27
CA ALA D 124 -0.72 -27.76 26.64
C ALA D 124 -0.68 -29.25 27.02
N SER D 125 -1.71 -29.69 27.75
CA SER D 125 -1.90 -31.05 28.28
C SER D 125 -3.32 -31.17 28.81
#